data_4CE7
#
_entry.id   4CE7
#
_cell.length_a   92.978
_cell.length_b   93.331
_cell.length_c   156.758
_cell.angle_alpha   90.00
_cell.angle_beta   90.00
_cell.angle_gamma   90.00
#
_symmetry.space_group_name_H-M   'P 21 21 21'
#
loop_
_entity.id
_entity.type
_entity.pdbx_description
1 polymer 'UNSATURATED 3S-RHAMNOGLYCURONYL HYDROLASE'
2 non-polymer 'NITRATE ION'
3 water water
#
_entity_poly.entity_id   1
_entity_poly.type   'polypeptide(L)'
_entity_poly.pdbx_seq_one_letter_code
;HHHHHHGSSCTDTEKTPLEEKDVFNEDYIKTSMIKALEWQEAHPIFAIHPTDWTNGAYYTGVARAHHTTKNMMYMAALKN
QAVANNWQPYTRLYHADDVAISYSYLYVAENEKRRNFSDLEPTKKFLDTHLYEDNAWKAGTNRSKEDKTILWWWCDALFM
APPVINLYAKQSEQPEYLDEMHKYYMETYNRLYDKEEKLFARDSRFVWDGDDEDKKEPNGEKVFWSRGNGWVIGGLALLL
EDMPEDYKHRDFYVNLYKEMASRILEIQPEDGLWRTSLLSPESYDHGEVSGSAFHTFALAWGINKGLIDKKYTPAVKKAW
KAMANCQHDDGRVGWVQNIGAFPEPASKDSYQNFGTGAFLLAGSEILKMR
;
_entity_poly.pdbx_strand_id   A,B,C
#
# COMPACT_ATOMS: atom_id res chain seq x y z
N ASP A 22 -25.98 12.28 -13.59
CA ASP A 22 -26.09 11.79 -14.97
C ASP A 22 -24.93 10.79 -15.24
N VAL A 23 -25.24 9.49 -15.14
CA VAL A 23 -24.26 8.40 -15.41
C VAL A 23 -23.69 8.39 -16.84
N PHE A 24 -24.23 9.17 -17.76
CA PHE A 24 -23.67 9.19 -19.10
C PHE A 24 -22.81 10.42 -19.31
N ASN A 25 -22.69 11.30 -18.33
CA ASN A 25 -21.84 12.44 -18.44
C ASN A 25 -20.36 12.00 -18.43
N GLU A 26 -19.57 12.52 -19.36
CA GLU A 26 -18.19 12.11 -19.53
C GLU A 26 -17.40 12.32 -18.24
N ASP A 27 -17.72 13.40 -17.53
CA ASP A 27 -17.02 13.65 -16.30
C ASP A 27 -17.41 12.76 -15.10
N TYR A 28 -18.70 12.46 -14.99
CA TYR A 28 -19.18 11.42 -14.11
C TYR A 28 -18.44 10.07 -14.39
N ILE A 29 -18.41 9.62 -15.64
CA ILE A 29 -17.80 8.29 -15.93
C ILE A 29 -16.29 8.32 -15.53
N LYS A 30 -15.57 9.38 -15.91
CA LYS A 30 -14.13 9.51 -15.60
C LYS A 30 -13.89 9.48 -14.10
N THR A 31 -14.68 10.23 -13.31
CA THR A 31 -14.43 10.33 -11.89
C THR A 31 -14.83 8.99 -11.31
N SER A 32 -15.88 8.35 -11.85
CA SER A 32 -16.26 6.99 -11.35
C SER A 32 -15.19 5.92 -11.53
N MET A 33 -14.59 5.96 -12.72
CA MET A 33 -13.53 5.03 -13.05
C MET A 33 -12.32 5.28 -12.13
N ILE A 34 -11.98 6.54 -11.87
CA ILE A 34 -10.81 6.79 -11.02
C ILE A 34 -11.09 6.28 -9.56
N LYS A 35 -12.31 6.51 -9.06
CA LYS A 35 -12.69 6.08 -7.73
C LYS A 35 -12.66 4.54 -7.66
N ALA A 36 -13.06 3.86 -8.73
CA ALA A 36 -13.03 2.39 -8.74
C ALA A 36 -11.54 1.91 -8.66
N LEU A 37 -10.66 2.50 -9.45
CA LEU A 37 -9.19 2.27 -9.36
C LEU A 37 -8.67 2.50 -7.92
N GLU A 38 -9.00 3.65 -7.34
CA GLU A 38 -8.52 4.05 -6.00
C GLU A 38 -8.99 3.08 -4.94
N TRP A 39 -10.25 2.68 -5.03
CA TRP A 39 -10.75 1.82 -4.03
C TRP A 39 -10.02 0.48 -4.28
N GLN A 40 -9.87 0.01 -5.51
CA GLN A 40 -9.22 -1.34 -5.65
C GLN A 40 -7.73 -1.31 -5.27
N GLU A 41 -7.05 -0.20 -5.60
CA GLU A 41 -5.60 -0.05 -5.21
C GLU A 41 -5.48 -0.12 -3.66
N ALA A 42 -6.46 0.45 -2.94
CA ALA A 42 -6.40 0.42 -1.48
C ALA A 42 -6.80 -0.95 -0.89
N HIS A 43 -7.32 -1.84 -1.71
CA HIS A 43 -7.77 -3.19 -1.23
C HIS A 43 -7.09 -4.28 -2.07
N PRO A 44 -5.74 -4.33 -2.08
CA PRO A 44 -5.18 -5.31 -3.01
C PRO A 44 -5.57 -6.75 -2.67
N ILE A 45 -5.68 -7.59 -3.69
CA ILE A 45 -6.17 -8.94 -3.43
C ILE A 45 -5.60 -9.86 -4.54
N PHE A 46 -5.54 -11.16 -4.25
CA PHE A 46 -5.12 -12.13 -5.26
C PHE A 46 -5.63 -13.51 -4.80
N ALA A 47 -5.73 -14.46 -5.73
CA ALA A 47 -6.09 -15.84 -5.36
C ALA A 47 -4.81 -16.46 -4.73
N ILE A 48 -3.72 -16.46 -5.51
CA ILE A 48 -2.49 -17.13 -5.04
C ILE A 48 -1.30 -16.17 -5.06
N HIS A 49 -1.33 -15.11 -5.87
CA HIS A 49 -0.11 -14.24 -5.96
C HIS A 49 -0.47 -12.94 -6.67
N PRO A 50 0.25 -11.83 -6.39
CA PRO A 50 -0.08 -10.56 -7.09
C PRO A 50 0.07 -10.63 -8.62
N THR A 51 0.75 -11.64 -9.11
CA THR A 51 0.93 -11.81 -10.54
C THR A 51 -0.05 -12.81 -11.22
N ASP A 52 -1.03 -13.23 -10.47
CA ASP A 52 -2.03 -14.27 -10.90
C ASP A 52 -3.10 -13.66 -11.84
N TRP A 53 -3.99 -14.51 -12.40
CA TRP A 53 -4.95 -14.02 -13.39
C TRP A 53 -5.91 -12.97 -12.83
N THR A 54 -6.19 -12.97 -11.54
CA THR A 54 -7.14 -12.01 -10.91
C THR A 54 -6.57 -10.61 -11.10
N ASN A 55 -5.28 -10.47 -10.80
CA ASN A 55 -4.57 -9.24 -11.05
C ASN A 55 -4.34 -8.93 -12.55
N GLY A 56 -4.07 -9.96 -13.35
CA GLY A 56 -3.86 -9.74 -14.81
C GLY A 56 -5.17 -9.13 -15.41
N ALA A 57 -6.33 -9.69 -15.07
CA ALA A 57 -7.60 -9.10 -15.55
C ALA A 57 -7.85 -7.67 -15.01
N TYR A 58 -7.63 -7.47 -13.69
CA TYR A 58 -7.68 -6.14 -13.12
C TYR A 58 -6.78 -5.17 -13.88
N TYR A 59 -5.49 -5.46 -14.03
CA TYR A 59 -4.61 -4.45 -14.60
C TYR A 59 -4.81 -4.31 -16.15
N THR A 60 -5.42 -5.29 -16.77
CA THR A 60 -5.81 -5.16 -18.20
C THR A 60 -6.95 -4.09 -18.26
N GLY A 61 -7.89 -4.08 -17.30
CA GLY A 61 -8.89 -3.00 -17.24
C GLY A 61 -8.24 -1.66 -16.96
N VAL A 62 -7.23 -1.66 -16.08
CA VAL A 62 -6.50 -0.42 -15.76
C VAL A 62 -5.79 0.05 -17.03
N ALA A 63 -5.24 -0.88 -17.83
CA ALA A 63 -4.56 -0.50 -19.06
C ALA A 63 -5.55 0.14 -20.03
N ARG A 64 -6.72 -0.47 -20.16
CA ARG A 64 -7.64 0.13 -21.19
C ARG A 64 -8.22 1.47 -20.72
N ALA A 65 -8.46 1.63 -19.42
CA ALA A 65 -8.83 2.92 -18.87
C ALA A 65 -7.80 3.94 -19.20
N HIS A 66 -6.50 3.60 -19.05
CA HIS A 66 -5.46 4.54 -19.40
C HIS A 66 -5.47 4.94 -20.87
N HIS A 67 -5.67 3.93 -21.67
CA HIS A 67 -5.61 4.11 -23.08
C HIS A 67 -6.68 5.06 -23.53
N THR A 68 -7.88 4.97 -22.97
CA THR A 68 -8.93 5.99 -23.31
C THR A 68 -8.64 7.33 -22.67
N THR A 69 -8.43 7.37 -21.37
CA THR A 69 -8.39 8.65 -20.66
C THR A 69 -7.04 9.37 -20.64
N LYS A 70 -5.95 8.63 -20.87
CA LYS A 70 -4.54 9.07 -20.62
C LYS A 70 -4.27 9.64 -19.23
N ASN A 71 -5.07 9.30 -18.23
CA ASN A 71 -4.84 9.87 -16.90
C ASN A 71 -3.56 9.18 -16.30
N MET A 72 -2.60 9.99 -15.90
CA MET A 72 -1.33 9.54 -15.31
C MET A 72 -1.56 8.60 -14.10
N MET A 73 -2.71 8.70 -13.44
CA MET A 73 -2.99 7.84 -12.26
C MET A 73 -3.00 6.35 -12.65
N TYR A 74 -3.62 6.04 -13.80
CA TYR A 74 -3.69 4.65 -14.29
C TYR A 74 -2.29 4.14 -14.57
N MET A 75 -1.47 4.94 -15.25
CA MET A 75 -0.16 4.47 -15.71
C MET A 75 0.77 4.29 -14.47
N ALA A 76 0.63 5.18 -13.47
CA ALA A 76 1.34 5.06 -12.14
C ALA A 76 1.07 3.71 -11.53
N ALA A 77 -0.19 3.30 -11.48
CA ALA A 77 -0.56 2.01 -10.87
C ALA A 77 0.01 0.85 -11.71
N LEU A 78 -0.04 0.97 -13.04
CA LEU A 78 0.51 -0.05 -13.91
C LEU A 78 2.01 -0.17 -13.73
N LYS A 79 2.73 0.96 -13.76
CA LYS A 79 4.17 0.85 -13.55
C LYS A 79 4.48 0.33 -12.14
N ASN A 80 3.74 0.79 -11.11
CA ASN A 80 4.08 0.37 -9.74
CA ASN A 80 3.96 0.37 -9.69
C ASN A 80 4.05 -1.18 -9.60
N GLN A 81 2.96 -1.83 -10.01
CA GLN A 81 2.89 -3.32 -9.94
C GLN A 81 3.89 -4.00 -10.89
N ALA A 82 4.16 -3.42 -12.09
CA ALA A 82 5.10 -4.10 -13.00
C ALA A 82 6.49 -4.13 -12.34
N VAL A 83 6.92 -3.00 -11.78
CA VAL A 83 8.24 -2.96 -11.12
C VAL A 83 8.24 -3.84 -9.83
N ALA A 84 7.17 -3.81 -9.06
CA ALA A 84 7.08 -4.53 -7.77
C ALA A 84 7.13 -6.01 -8.12
N ASN A 85 6.58 -6.40 -9.28
CA ASN A 85 6.58 -7.85 -9.66
C ASN A 85 7.77 -8.27 -10.44
N ASN A 86 8.69 -7.34 -10.69
CA ASN A 86 9.88 -7.57 -11.54
C ASN A 86 9.50 -8.07 -12.95
N TRP A 87 8.39 -7.58 -13.47
CA TRP A 87 7.93 -7.92 -14.87
C TRP A 87 7.67 -9.42 -15.08
N GLN A 88 7.44 -10.18 -13.99
CA GLN A 88 7.29 -11.63 -14.10
C GLN A 88 5.82 -12.00 -14.23
N PRO A 89 5.51 -12.95 -15.14
CA PRO A 89 4.18 -13.60 -15.07
C PRO A 89 4.27 -14.61 -13.90
N TYR A 90 3.17 -15.28 -13.59
CA TYR A 90 3.29 -16.36 -12.55
C TYR A 90 3.98 -17.59 -13.17
N THR A 91 4.03 -18.67 -12.40
CA THR A 91 5.06 -19.67 -12.65
C THR A 91 4.66 -21.01 -13.26
N ARG A 92 3.36 -21.28 -13.45
CA ARG A 92 3.00 -22.55 -14.06
C ARG A 92 2.92 -22.33 -15.58
N LEU A 93 4.00 -22.72 -16.28
CA LEU A 93 4.16 -22.27 -17.65
C LEU A 93 3.17 -22.95 -18.63
N TYR A 94 2.50 -24.02 -18.19
CA TYR A 94 1.48 -24.74 -18.97
C TYR A 94 0.09 -24.07 -18.80
N HIS A 95 0.01 -23.07 -17.91
CA HIS A 95 -1.28 -22.53 -17.42
C HIS A 95 -1.60 -21.13 -17.89
N ALA A 96 -2.61 -20.99 -18.76
CA ALA A 96 -2.94 -19.67 -19.35
C ALA A 96 -3.18 -18.61 -18.29
N ASP A 97 -3.72 -18.97 -17.12
CA ASP A 97 -3.97 -17.93 -16.08
C ASP A 97 -2.70 -17.15 -15.66
N ASP A 98 -1.55 -17.76 -15.78
CA ASP A 98 -0.36 -17.21 -15.15
C ASP A 98 0.31 -16.22 -16.07
N VAL A 99 -0.18 -16.11 -17.31
CA VAL A 99 0.40 -15.10 -18.25
C VAL A 99 -0.56 -13.90 -18.41
N ALA A 100 -1.77 -13.95 -17.85
CA ALA A 100 -2.71 -12.83 -17.97
C ALA A 100 -2.06 -11.46 -17.59
N ILE A 101 -1.25 -11.46 -16.54
CA ILE A 101 -0.60 -10.23 -16.03
C ILE A 101 0.33 -9.57 -17.07
N SER A 102 0.85 -10.34 -18.04
CA SER A 102 1.77 -9.80 -19.07
C SER A 102 1.03 -8.86 -20.02
N TYR A 103 -0.28 -8.89 -20.03
CA TYR A 103 -0.99 -7.90 -20.85
C TYR A 103 -0.61 -6.48 -20.37
N SER A 104 -0.68 -6.25 -19.06
CA SER A 104 -0.29 -4.95 -18.50
C SER A 104 1.16 -4.62 -18.80
N TYR A 105 2.04 -5.62 -18.71
CA TYR A 105 3.46 -5.38 -19.01
C TYR A 105 3.68 -4.95 -20.44
N LEU A 106 2.98 -5.63 -21.37
CA LEU A 106 3.08 -5.30 -22.80
C LEU A 106 2.51 -3.89 -23.03
N TYR A 107 1.39 -3.61 -22.37
CA TYR A 107 0.77 -2.25 -22.52
C TYR A 107 1.74 -1.13 -22.01
N VAL A 108 2.34 -1.34 -20.81
CA VAL A 108 3.36 -0.38 -20.32
C VAL A 108 4.53 -0.26 -21.30
N ALA A 109 5.03 -1.38 -21.81
CA ALA A 109 6.20 -1.33 -22.70
C ALA A 109 5.90 -0.45 -23.96
N GLU A 110 4.68 -0.54 -24.47
CA GLU A 110 4.21 0.27 -25.62
C GLU A 110 3.90 1.74 -25.31
N ASN A 111 3.32 2.02 -24.14
CA ASN A 111 2.70 3.32 -23.88
C ASN A 111 3.46 4.21 -22.93
N GLU A 112 4.40 3.63 -22.18
CA GLU A 112 5.26 4.46 -21.31
C GLU A 112 6.53 4.64 -22.10
N LYS A 113 6.77 5.86 -22.55
CA LYS A 113 7.78 6.04 -23.59
C LYS A 113 9.15 6.17 -22.95
N ARG A 114 9.71 5.08 -22.46
CA ARG A 114 11.03 5.08 -21.84
C ARG A 114 11.76 3.86 -22.37
N ARG A 115 12.96 4.03 -22.91
CA ARG A 115 13.77 2.91 -23.27
C ARG A 115 14.38 2.38 -21.97
N ASN A 116 14.65 1.07 -21.96
CA ASN A 116 15.39 0.44 -20.89
C ASN A 116 14.60 0.54 -19.58
N PHE A 117 13.29 0.51 -19.67
CA PHE A 117 12.46 0.52 -18.46
C PHE A 117 11.70 -0.79 -18.38
N SER A 118 10.93 -1.11 -19.42
CA SER A 118 10.11 -2.32 -19.34
C SER A 118 10.94 -3.60 -19.68
N ASP A 119 10.57 -4.74 -19.13
CA ASP A 119 11.28 -5.99 -19.47
C ASP A 119 10.27 -6.99 -19.99
N LEU A 120 10.37 -7.37 -21.26
CA LEU A 120 9.43 -8.35 -21.79
C LEU A 120 10.01 -9.74 -21.87
N GLU A 121 11.26 -9.95 -21.47
CA GLU A 121 11.90 -11.27 -21.52
C GLU A 121 11.16 -12.34 -20.67
N PRO A 122 10.76 -12.02 -19.42
CA PRO A 122 10.01 -13.08 -18.75
C PRO A 122 8.71 -13.46 -19.45
N THR A 123 8.03 -12.49 -20.03
CA THR A 123 6.83 -12.80 -20.83
C THR A 123 7.17 -13.67 -22.06
N LYS A 124 8.23 -13.33 -22.78
CA LYS A 124 8.69 -14.15 -23.89
C LYS A 124 9.02 -15.59 -23.40
N LYS A 125 9.71 -15.74 -22.27
CA LYS A 125 10.08 -17.07 -21.80
C LYS A 125 8.81 -17.88 -21.54
N PHE A 126 7.82 -17.24 -20.88
CA PHE A 126 6.53 -17.86 -20.64
C PHE A 126 5.86 -18.30 -21.95
N LEU A 127 5.68 -17.38 -22.90
CA LEU A 127 4.97 -17.72 -24.13
C LEU A 127 5.64 -18.81 -24.96
N ASP A 128 6.99 -18.82 -25.01
CA ASP A 128 7.70 -19.84 -25.76
C ASP A 128 7.53 -21.21 -25.17
N THR A 129 7.61 -21.37 -23.86
CA THR A 129 7.35 -22.65 -23.26
C THR A 129 5.87 -23.01 -23.40
N HIS A 130 4.98 -22.01 -23.18
CA HIS A 130 3.51 -22.25 -23.21
C HIS A 130 3.10 -22.80 -24.58
N LEU A 131 3.52 -22.10 -25.63
CA LEU A 131 3.05 -22.41 -26.95
C LEU A 131 3.88 -23.53 -27.60
N TYR A 132 5.17 -23.67 -27.27
CA TYR A 132 6.06 -24.54 -28.11
C TYR A 132 6.62 -25.74 -27.38
N GLU A 133 6.42 -25.84 -26.09
CA GLU A 133 6.99 -26.98 -25.40
C GLU A 133 5.88 -27.87 -24.89
N ASP A 134 6.14 -29.18 -24.85
CA ASP A 134 5.04 -30.08 -24.51
C ASP A 134 4.67 -30.01 -23.01
N ASN A 135 3.45 -30.40 -22.64
CA ASN A 135 3.08 -30.38 -21.26
C ASN A 135 1.90 -31.33 -21.09
N ALA A 136 1.49 -31.55 -19.84
CA ALA A 136 0.59 -32.71 -19.60
C ALA A 136 -0.80 -32.43 -20.19
N TRP A 137 -1.22 -31.17 -20.23
CA TRP A 137 -2.53 -30.82 -20.84
C TRP A 137 -2.54 -31.01 -22.34
N LYS A 138 -1.43 -30.60 -22.98
CA LYS A 138 -1.30 -30.89 -24.44
C LYS A 138 -1.27 -32.37 -24.74
N ALA A 139 -0.62 -33.14 -23.87
CA ALA A 139 -0.45 -34.60 -24.06
C ALA A 139 -1.79 -35.34 -24.09
N GLY A 140 -2.79 -34.80 -23.41
CA GLY A 140 -4.16 -35.40 -23.54
C GLY A 140 -4.43 -36.58 -22.61
N THR A 141 -3.55 -36.79 -21.63
CA THR A 141 -3.62 -37.99 -20.77
C THR A 141 -4.42 -37.74 -19.48
N ASN A 142 -4.69 -36.49 -19.16
CA ASN A 142 -5.46 -36.14 -17.95
C ASN A 142 -6.81 -36.85 -17.89
N ARG A 143 -7.15 -37.37 -16.72
CA ARG A 143 -8.35 -38.16 -16.62
C ARG A 143 -9.39 -37.54 -15.71
N SER A 144 -9.32 -36.25 -15.45
CA SER A 144 -10.31 -35.59 -14.57
C SER A 144 -11.67 -35.25 -15.24
N LYS A 145 -12.66 -34.94 -14.40
CA LYS A 145 -13.98 -34.55 -14.90
C LYS A 145 -13.90 -33.26 -15.74
N GLU A 146 -13.02 -32.36 -15.33
CA GLU A 146 -12.74 -31.16 -16.10
C GLU A 146 -12.16 -31.41 -17.51
N ASP A 147 -11.59 -32.62 -17.71
CA ASP A 147 -11.08 -33.04 -19.03
C ASP A 147 -9.97 -32.09 -19.54
N LYS A 148 -8.87 -32.05 -18.78
CA LYS A 148 -7.76 -31.09 -19.05
C LYS A 148 -6.83 -31.71 -20.09
N THR A 149 -7.35 -31.83 -21.29
CA THR A 149 -6.76 -32.63 -22.35
C THR A 149 -6.48 -31.78 -23.59
N ILE A 150 -6.63 -30.44 -23.48
CA ILE A 150 -6.07 -29.54 -24.50
C ILE A 150 -5.48 -28.38 -23.71
N LEU A 151 -4.61 -27.57 -24.33
CA LEU A 151 -3.93 -26.51 -23.60
C LEU A 151 -4.95 -25.55 -22.89
N TRP A 152 -5.94 -25.06 -23.65
CA TRP A 152 -6.97 -24.18 -23.13
C TRP A 152 -8.28 -24.95 -23.05
N TRP A 153 -8.40 -25.79 -22.02
CA TRP A 153 -9.50 -26.78 -21.81
C TRP A 153 -10.68 -26.10 -21.10
N TRP A 154 -10.56 -24.81 -20.77
CA TRP A 154 -11.72 -24.13 -20.13
C TRP A 154 -11.89 -22.79 -20.81
N CYS A 155 -13.14 -22.28 -20.93
CA CYS A 155 -13.34 -21.15 -21.82
C CYS A 155 -12.69 -19.85 -21.34
N ASP A 156 -12.51 -19.66 -20.03
CA ASP A 156 -11.97 -18.40 -19.49
C ASP A 156 -10.55 -18.18 -19.98
N ALA A 157 -9.90 -19.28 -20.32
CA ALA A 157 -8.51 -19.17 -20.81
C ALA A 157 -8.45 -18.31 -22.03
N LEU A 158 -9.54 -18.20 -22.77
CA LEU A 158 -9.46 -17.35 -24.00
C LEU A 158 -9.41 -15.84 -23.74
N PHE A 159 -9.64 -15.39 -22.48
CA PHE A 159 -9.32 -14.00 -22.10
C PHE A 159 -7.85 -13.93 -21.67
N MET A 160 -7.35 -14.97 -21.02
CA MET A 160 -6.07 -14.89 -20.25
C MET A 160 -4.89 -14.87 -21.23
N ALA A 161 -4.86 -15.78 -22.20
CA ALA A 161 -3.67 -15.90 -23.02
C ALA A 161 -3.74 -15.24 -24.42
N PRO A 162 -4.83 -15.48 -25.18
CA PRO A 162 -4.86 -14.93 -26.55
C PRO A 162 -4.55 -13.42 -26.65
N PRO A 163 -5.18 -12.54 -25.81
CA PRO A 163 -4.89 -11.11 -25.94
C PRO A 163 -3.38 -10.77 -25.71
N VAL A 164 -2.74 -11.53 -24.84
CA VAL A 164 -1.32 -11.29 -24.55
C VAL A 164 -0.42 -11.78 -25.71
N ILE A 165 -0.73 -12.97 -26.26
CA ILE A 165 0.01 -13.49 -27.37
C ILE A 165 -0.11 -12.56 -28.59
N ASN A 166 -1.31 -12.01 -28.80
CA ASN A 166 -1.55 -11.01 -29.88
C ASN A 166 -0.74 -9.71 -29.69
N LEU A 167 -0.68 -9.18 -28.46
CA LEU A 167 0.07 -8.01 -28.22
C LEU A 167 1.55 -8.32 -28.33
N TYR A 168 1.96 -9.50 -27.91
CA TYR A 168 3.36 -9.83 -28.02
C TYR A 168 3.77 -9.93 -29.49
N ALA A 169 2.95 -10.64 -30.26
CA ALA A 169 3.22 -10.85 -31.67
C ALA A 169 3.30 -9.50 -32.35
N LYS A 170 2.40 -8.60 -31.96
CA LYS A 170 2.38 -7.22 -32.46
C LYS A 170 3.64 -6.43 -32.16
N GLN A 171 4.08 -6.37 -30.90
CA GLN A 171 5.28 -5.60 -30.57
CA GLN A 171 5.31 -5.61 -30.56
C GLN A 171 6.58 -6.24 -31.07
N SER A 172 6.63 -7.58 -31.15
CA SER A 172 7.83 -8.27 -31.64
C SER A 172 7.82 -8.38 -33.17
N GLU A 173 6.67 -8.03 -33.78
CA GLU A 173 6.42 -8.34 -35.19
C GLU A 173 6.80 -9.78 -35.55
N GLN A 174 6.32 -10.76 -34.79
CA GLN A 174 6.60 -12.14 -35.09
C GLN A 174 5.23 -12.76 -35.25
N PRO A 175 4.68 -12.70 -36.47
CA PRO A 175 3.31 -13.26 -36.60
C PRO A 175 3.19 -14.77 -36.43
N GLU A 176 4.30 -15.49 -36.40
CA GLU A 176 4.14 -16.92 -36.07
C GLU A 176 3.46 -17.22 -34.69
N TYR A 177 3.55 -16.25 -33.75
CA TYR A 177 2.92 -16.43 -32.42
C TYR A 177 1.39 -16.50 -32.58
N LEU A 178 0.84 -15.67 -33.48
CA LEU A 178 -0.58 -15.73 -33.84
C LEU A 178 -1.03 -17.05 -34.44
N ASP A 179 -0.17 -17.70 -35.25
CA ASP A 179 -0.56 -18.97 -35.86
C ASP A 179 -0.69 -20.02 -34.76
N GLU A 180 0.26 -19.97 -33.82
CA GLU A 180 0.22 -20.88 -32.69
C GLU A 180 -0.95 -20.58 -31.76
N MET A 181 -1.17 -19.31 -31.40
CA MET A 181 -2.42 -18.89 -30.70
C MET A 181 -3.66 -19.52 -31.40
N HIS A 182 -3.73 -19.35 -32.72
CA HIS A 182 -4.90 -19.81 -33.46
C HIS A 182 -5.12 -21.30 -33.34
N LYS A 183 -4.05 -22.10 -33.42
CA LYS A 183 -4.18 -23.52 -33.26
C LYS A 183 -4.89 -23.90 -31.93
N TYR A 184 -4.38 -23.33 -30.84
CA TYR A 184 -4.96 -23.65 -29.52
C TYR A 184 -6.34 -23.03 -29.39
N TYR A 185 -6.55 -21.83 -29.93
CA TYR A 185 -7.87 -21.18 -29.88
C TYR A 185 -8.96 -22.06 -30.55
N MET A 186 -8.63 -22.62 -31.70
CA MET A 186 -9.54 -23.55 -32.44
C MET A 186 -9.87 -24.80 -31.68
N GLU A 187 -8.88 -25.38 -30.97
CA GLU A 187 -9.20 -26.51 -30.08
C GLU A 187 -10.26 -26.14 -29.05
N THR A 188 -10.12 -24.96 -28.44
CA THR A 188 -11.12 -24.55 -27.39
C THR A 188 -12.51 -24.33 -28.05
N TYR A 189 -12.48 -23.68 -29.19
CA TYR A 189 -13.71 -23.41 -29.98
C TYR A 189 -14.39 -24.71 -30.42
N ASN A 190 -13.62 -25.63 -30.98
CA ASN A 190 -14.18 -26.94 -31.37
C ASN A 190 -14.76 -27.77 -30.22
N ARG A 191 -14.15 -27.69 -29.04
CA ARG A 191 -14.72 -28.40 -27.89
C ARG A 191 -15.92 -27.70 -27.23
N LEU A 192 -15.88 -26.38 -27.06
CA LEU A 192 -16.73 -25.69 -26.09
C LEU A 192 -17.73 -24.72 -26.67
N TYR A 193 -17.50 -24.28 -27.92
CA TYR A 193 -18.50 -23.30 -28.51
C TYR A 193 -19.73 -24.02 -28.97
N ASP A 194 -20.87 -23.65 -28.38
CA ASP A 194 -22.13 -24.30 -28.74
C ASP A 194 -22.60 -23.58 -29.99
N LYS A 195 -22.49 -24.22 -31.15
CA LYS A 195 -22.83 -23.52 -32.37
C LYS A 195 -24.35 -23.16 -32.39
N GLU A 196 -25.24 -23.98 -31.85
CA GLU A 196 -26.64 -23.53 -31.85
C GLU A 196 -26.94 -22.40 -30.86
N GLU A 197 -26.37 -22.49 -29.66
CA GLU A 197 -26.66 -21.46 -28.67
C GLU A 197 -25.88 -20.17 -28.82
N LYS A 198 -24.78 -20.23 -29.61
CA LYS A 198 -23.82 -19.12 -29.79
C LYS A 198 -23.17 -18.63 -28.46
N LEU A 199 -22.93 -19.55 -27.54
CA LEU A 199 -22.27 -19.22 -26.25
C LEU A 199 -21.28 -20.37 -25.99
N PHE A 200 -20.30 -20.11 -25.13
CA PHE A 200 -19.37 -21.16 -24.72
C PHE A 200 -19.74 -21.89 -23.42
N ALA A 201 -19.64 -23.23 -23.42
CA ALA A 201 -19.60 -24.09 -22.23
C ALA A 201 -18.30 -23.81 -21.46
N ARG A 202 -18.32 -23.91 -20.11
CA ARG A 202 -17.10 -23.56 -19.34
C ARG A 202 -15.97 -24.60 -19.60
N ASP A 203 -16.32 -25.88 -19.62
CA ASP A 203 -15.38 -27.02 -19.83
C ASP A 203 -16.26 -28.19 -20.23
N SER A 204 -15.66 -29.34 -20.59
CA SER A 204 -16.42 -30.51 -21.00
C SER A 204 -17.56 -30.89 -20.11
N ARG A 205 -17.47 -30.58 -18.81
CA ARG A 205 -18.58 -31.01 -17.92
C ARG A 205 -19.93 -30.40 -18.33
N PHE A 206 -19.90 -29.26 -19.01
CA PHE A 206 -21.11 -28.48 -19.31
C PHE A 206 -21.62 -28.66 -20.72
N VAL A 207 -20.93 -29.55 -21.45
CA VAL A 207 -21.25 -29.91 -22.83
C VAL A 207 -22.21 -31.10 -22.72
N TRP A 208 -23.32 -31.06 -23.43
CA TRP A 208 -24.28 -32.13 -23.37
C TRP A 208 -23.84 -33.26 -24.28
N ASP A 209 -23.87 -34.51 -23.79
CA ASP A 209 -23.54 -35.70 -24.60
C ASP A 209 -24.82 -36.46 -24.86
N GLY A 210 -25.87 -36.13 -24.11
CA GLY A 210 -27.22 -36.69 -24.37
C GLY A 210 -27.53 -37.78 -23.36
N ASP A 211 -26.64 -37.91 -22.38
CA ASP A 211 -26.71 -39.00 -21.43
C ASP A 211 -27.11 -38.47 -20.05
N ASP A 212 -26.96 -39.32 -19.04
CA ASP A 212 -27.57 -39.07 -17.72
C ASP A 212 -27.04 -37.93 -16.88
N GLU A 213 -25.75 -37.66 -16.94
CA GLU A 213 -25.23 -36.55 -16.16
C GLU A 213 -24.86 -35.28 -16.97
N ASP A 214 -25.70 -35.00 -17.99
CA ASP A 214 -25.75 -33.68 -18.61
C ASP A 214 -26.13 -32.66 -17.53
N LYS A 215 -25.51 -31.51 -17.54
CA LYS A 215 -25.73 -30.57 -16.50
C LYS A 215 -26.72 -29.58 -17.07
N LYS A 216 -27.84 -29.36 -16.36
CA LYS A 216 -28.95 -28.50 -16.84
C LYS A 216 -29.30 -27.47 -15.80
N GLU A 217 -29.76 -26.32 -16.25
CA GLU A 217 -30.39 -25.33 -15.35
C GLU A 217 -31.74 -25.88 -14.81
N PRO A 218 -32.32 -25.26 -13.76
CA PRO A 218 -33.63 -25.73 -13.24
C PRO A 218 -34.77 -25.71 -14.32
N ASN A 219 -34.65 -24.79 -15.28
CA ASN A 219 -35.61 -24.68 -16.38
C ASN A 219 -35.31 -25.62 -17.55
N GLY A 220 -34.30 -26.51 -17.42
CA GLY A 220 -33.98 -27.48 -18.47
C GLY A 220 -32.95 -27.04 -19.50
N GLU A 221 -32.59 -25.75 -19.49
CA GLU A 221 -31.64 -25.21 -20.46
C GLU A 221 -30.19 -25.61 -20.14
N LYS A 222 -29.35 -25.46 -21.16
CA LYS A 222 -27.91 -25.70 -21.01
C LYS A 222 -27.36 -24.63 -20.08
N VAL A 223 -26.24 -24.96 -19.41
CA VAL A 223 -25.62 -24.06 -18.41
C VAL A 223 -24.57 -23.19 -19.13
N PHE A 224 -24.82 -21.89 -19.28
CA PHE A 224 -23.81 -20.99 -19.82
C PHE A 224 -23.58 -19.89 -18.78
N TRP A 225 -22.32 -19.71 -18.38
N TRP A 225 -22.33 -19.70 -18.34
CA TRP A 225 -21.97 -18.81 -17.28
CA TRP A 225 -22.01 -18.76 -17.25
C TRP A 225 -21.77 -17.42 -17.86
C TRP A 225 -21.81 -17.42 -17.87
N SER A 226 -22.36 -16.38 -17.25
CA SER A 226 -22.19 -15.05 -17.75
C SER A 226 -20.70 -14.59 -17.71
N ARG A 227 -20.02 -14.74 -16.57
CA ARG A 227 -18.65 -14.24 -16.61
C ARG A 227 -17.78 -15.12 -17.52
N GLY A 228 -18.02 -16.44 -17.53
CA GLY A 228 -17.37 -17.35 -18.52
C GLY A 228 -17.42 -16.85 -19.96
N ASN A 229 -18.62 -16.52 -20.43
CA ASN A 229 -18.81 -15.88 -21.73
C ASN A 229 -18.26 -14.52 -21.82
N GLY A 230 -18.26 -13.78 -20.70
CA GLY A 230 -17.69 -12.41 -20.76
C GLY A 230 -16.18 -12.48 -20.94
N TRP A 231 -15.51 -13.46 -20.29
CA TRP A 231 -14.07 -13.60 -20.61
C TRP A 231 -13.86 -13.80 -22.11
N VAL A 232 -14.66 -14.71 -22.68
CA VAL A 232 -14.45 -15.01 -24.14
C VAL A 232 -14.69 -13.75 -25.02
N ILE A 233 -15.86 -13.11 -24.88
CA ILE A 233 -16.20 -12.03 -25.79
C ILE A 233 -15.31 -10.82 -25.48
N GLY A 234 -14.97 -10.58 -24.20
CA GLY A 234 -14.15 -9.42 -23.90
C GLY A 234 -12.70 -9.70 -24.43
N GLY A 235 -12.25 -10.95 -24.34
CA GLY A 235 -11.00 -11.33 -24.99
C GLY A 235 -11.02 -11.12 -26.51
N LEU A 236 -12.15 -11.40 -27.12
CA LEU A 236 -12.33 -11.16 -28.59
C LEU A 236 -12.24 -9.68 -28.95
N ALA A 237 -12.80 -8.80 -28.10
CA ALA A 237 -12.68 -7.38 -28.36
C ALA A 237 -11.22 -6.96 -28.21
N LEU A 238 -10.51 -7.46 -27.17
CA LEU A 238 -9.10 -7.09 -27.02
C LEU A 238 -8.26 -7.57 -28.21
N LEU A 239 -8.54 -8.78 -28.66
CA LEU A 239 -7.81 -9.38 -29.76
C LEU A 239 -8.00 -8.59 -31.05
N LEU A 240 -9.26 -8.31 -31.39
CA LEU A 240 -9.57 -7.62 -32.64
C LEU A 240 -9.14 -6.13 -32.60
N GLU A 241 -9.07 -5.55 -31.39
CA GLU A 241 -8.48 -4.21 -31.16
C GLU A 241 -7.07 -4.11 -31.75
N ASP A 242 -6.31 -5.19 -31.69
CA ASP A 242 -4.91 -5.13 -32.03
C ASP A 242 -4.45 -6.15 -33.05
N MET A 243 -5.30 -7.07 -33.46
CA MET A 243 -4.88 -8.06 -34.44
C MET A 243 -4.75 -7.33 -35.79
N PRO A 244 -3.75 -7.65 -36.65
CA PRO A 244 -3.76 -6.98 -37.98
C PRO A 244 -5.04 -7.13 -38.81
N GLU A 245 -5.47 -6.00 -39.38
CA GLU A 245 -6.63 -5.94 -40.29
C GLU A 245 -6.58 -7.03 -41.35
N ASP A 246 -5.39 -7.31 -41.86
CA ASP A 246 -5.23 -8.34 -42.90
C ASP A 246 -4.82 -9.74 -42.40
N TYR A 247 -4.86 -10.05 -41.09
CA TYR A 247 -4.48 -11.40 -40.62
C TYR A 247 -5.34 -12.50 -41.26
N LYS A 248 -4.71 -13.60 -41.69
CA LYS A 248 -5.39 -14.65 -42.45
C LYS A 248 -6.58 -15.22 -41.73
N HIS A 249 -6.54 -15.26 -40.40
CA HIS A 249 -7.65 -15.87 -39.63
C HIS A 249 -8.60 -14.87 -39.02
N ARG A 250 -8.47 -13.59 -39.36
CA ARG A 250 -9.21 -12.54 -38.67
C ARG A 250 -10.70 -12.70 -38.78
N ASP A 251 -11.20 -13.07 -39.97
CA ASP A 251 -12.65 -13.30 -40.16
C ASP A 251 -13.27 -14.30 -39.18
N PHE A 252 -12.51 -15.35 -38.88
CA PHE A 252 -13.01 -16.32 -37.91
C PHE A 252 -13.34 -15.60 -36.54
N TYR A 253 -12.41 -14.78 -36.05
CA TYR A 253 -12.64 -14.05 -34.79
C TYR A 253 -13.75 -13.01 -34.87
N VAL A 254 -13.78 -12.27 -35.98
CA VAL A 254 -14.89 -11.31 -36.23
C VAL A 254 -16.28 -11.97 -36.18
N ASN A 255 -16.47 -13.08 -36.90
CA ASN A 255 -17.77 -13.78 -36.88
C ASN A 255 -18.09 -14.44 -35.55
N LEU A 256 -17.07 -14.94 -34.86
CA LEU A 256 -17.30 -15.46 -33.51
C LEU A 256 -17.82 -14.34 -32.59
N TYR A 257 -17.16 -13.18 -32.68
CA TYR A 257 -17.46 -12.03 -31.85
C TYR A 257 -18.94 -11.60 -32.17
N LYS A 258 -19.27 -11.50 -33.46
CA LYS A 258 -20.63 -11.04 -33.84
C LYS A 258 -21.69 -12.02 -33.42
N GLU A 259 -21.43 -13.32 -33.55
CA GLU A 259 -22.39 -14.34 -33.08
C GLU A 259 -22.65 -14.29 -31.57
N MET A 260 -21.57 -14.28 -30.78
CA MET A 260 -21.73 -14.17 -29.32
C MET A 260 -22.41 -12.84 -28.96
N ALA A 261 -21.96 -11.74 -29.55
CA ALA A 261 -22.60 -10.44 -29.26
C ALA A 261 -24.12 -10.47 -29.51
N SER A 262 -24.58 -11.02 -30.66
CA SER A 262 -26.04 -11.05 -30.91
C SER A 262 -26.78 -11.81 -29.83
N ARG A 263 -26.27 -12.98 -29.45
CA ARG A 263 -26.96 -13.77 -28.45
C ARG A 263 -26.97 -13.07 -27.10
N ILE A 264 -25.82 -12.49 -26.71
CA ILE A 264 -25.68 -11.79 -25.42
C ILE A 264 -26.66 -10.61 -25.30
N LEU A 265 -26.81 -9.87 -26.40
CA LEU A 265 -27.81 -8.80 -26.49
C LEU A 265 -29.23 -9.32 -26.36
N GLU A 266 -29.51 -10.39 -27.09
CA GLU A 266 -30.84 -11.04 -27.10
C GLU A 266 -31.30 -11.51 -25.71
N ILE A 267 -30.35 -11.94 -24.88
CA ILE A 267 -30.72 -12.50 -23.62
C ILE A 267 -30.52 -11.53 -22.45
N GLN A 268 -30.25 -10.28 -22.76
CA GLN A 268 -30.02 -9.31 -21.71
C GLN A 268 -31.27 -9.12 -20.87
N PRO A 269 -31.18 -9.25 -19.53
CA PRO A 269 -32.39 -8.99 -18.74
C PRO A 269 -32.90 -7.54 -18.84
N GLU A 270 -34.20 -7.38 -18.57
CA GLU A 270 -34.87 -6.12 -18.59
C GLU A 270 -34.13 -5.00 -17.84
N ASP A 271 -33.66 -5.23 -16.60
CA ASP A 271 -33.04 -4.13 -15.89
C ASP A 271 -31.62 -3.83 -16.32
N GLY A 272 -31.11 -4.51 -17.32
CA GLY A 272 -29.78 -4.12 -17.78
C GLY A 272 -28.61 -5.07 -17.48
N LEU A 273 -28.71 -5.80 -16.36
CA LEU A 273 -27.59 -6.61 -15.84
C LEU A 273 -27.85 -8.07 -16.16
N TRP A 274 -26.87 -8.78 -16.70
CA TRP A 274 -27.01 -10.21 -16.87
C TRP A 274 -26.82 -10.89 -15.51
N ARG A 275 -27.54 -11.95 -15.27
CA ARG A 275 -27.35 -12.76 -14.07
C ARG A 275 -26.17 -13.70 -14.30
N THR A 276 -25.72 -14.37 -13.21
CA THR A 276 -24.61 -15.30 -13.33
C THR A 276 -24.88 -16.46 -14.30
N SER A 277 -26.15 -16.92 -14.32
CA SER A 277 -26.64 -17.84 -15.33
C SER A 277 -27.28 -17.07 -16.51
N LEU A 278 -26.77 -17.35 -17.71
CA LEU A 278 -27.27 -16.77 -18.94
C LEU A 278 -28.63 -17.29 -19.38
N LEU A 279 -28.91 -18.58 -19.26
CA LEU A 279 -30.19 -19.12 -19.75
C LEU A 279 -31.15 -19.40 -18.62
N SER A 280 -30.73 -19.14 -17.37
CA SER A 280 -31.69 -19.21 -16.28
C SER A 280 -31.55 -18.01 -15.32
N PRO A 281 -31.75 -16.75 -15.82
CA PRO A 281 -31.58 -15.56 -15.01
C PRO A 281 -32.49 -15.58 -13.75
N GLU A 282 -33.65 -16.25 -13.87
CA GLU A 282 -34.60 -16.33 -12.78
C GLU A 282 -34.09 -17.13 -11.58
N SER A 283 -32.93 -17.81 -11.73
CA SER A 283 -32.26 -18.46 -10.58
C SER A 283 -31.57 -17.49 -9.66
N TYR A 284 -31.53 -16.22 -10.01
CA TYR A 284 -30.83 -15.22 -9.25
C TYR A 284 -31.72 -14.03 -9.08
N ASP A 285 -31.63 -13.42 -7.92
CA ASP A 285 -32.56 -12.38 -7.65
C ASP A 285 -32.02 -11.02 -8.08
N HIS A 286 -30.70 -10.92 -8.36
CA HIS A 286 -30.10 -9.65 -8.79
C HIS A 286 -29.10 -9.97 -9.90
N GLY A 287 -28.85 -9.01 -10.77
CA GLY A 287 -27.83 -9.14 -11.77
C GLY A 287 -26.42 -9.16 -11.13
N GLU A 288 -25.45 -9.55 -11.92
CA GLU A 288 -24.09 -9.73 -11.43
C GLU A 288 -23.20 -8.79 -12.32
N VAL A 289 -22.39 -8.00 -11.65
CA VAL A 289 -21.64 -6.93 -12.29
C VAL A 289 -20.44 -7.32 -13.15
N SER A 290 -19.62 -8.28 -12.74
CA SER A 290 -18.39 -8.53 -13.54
C SER A 290 -18.69 -9.10 -14.95
N GLY A 291 -19.62 -10.07 -15.03
CA GLY A 291 -19.93 -10.65 -16.33
C GLY A 291 -20.53 -9.50 -17.20
N SER A 292 -21.47 -8.77 -16.60
CA SER A 292 -22.21 -7.73 -17.31
C SER A 292 -21.17 -6.72 -17.81
N ALA A 293 -20.14 -6.41 -17.01
CA ALA A 293 -19.14 -5.41 -17.41
C ALA A 293 -18.31 -5.89 -18.57
N PHE A 294 -17.93 -7.18 -18.57
CA PHE A 294 -17.25 -7.67 -19.74
C PHE A 294 -18.15 -7.52 -21.00
N HIS A 295 -19.46 -7.80 -20.86
CA HIS A 295 -20.37 -7.81 -22.02
C HIS A 295 -20.48 -6.42 -22.51
N THR A 296 -20.60 -5.51 -21.58
CA THR A 296 -20.78 -4.09 -21.85
C THR A 296 -19.51 -3.56 -22.52
N PHE A 297 -18.34 -3.95 -21.97
CA PHE A 297 -17.11 -3.54 -22.65
C PHE A 297 -17.10 -4.03 -24.11
N ALA A 298 -17.33 -5.32 -24.30
CA ALA A 298 -17.19 -5.99 -25.61
C ALA A 298 -18.25 -5.39 -26.58
N LEU A 299 -19.45 -5.13 -26.05
CA LEU A 299 -20.54 -4.59 -26.88
C LEU A 299 -20.32 -3.13 -27.28
N ALA A 300 -19.90 -2.30 -26.32
CA ALA A 300 -19.59 -0.92 -26.56
C ALA A 300 -18.43 -0.83 -27.56
N TRP A 301 -17.40 -1.65 -27.34
CA TRP A 301 -16.25 -1.70 -28.25
C TRP A 301 -16.71 -2.01 -29.67
N GLY A 302 -17.59 -2.98 -29.78
CA GLY A 302 -18.07 -3.37 -31.11
C GLY A 302 -18.92 -2.29 -31.75
N ILE A 303 -19.83 -1.67 -31.00
CA ILE A 303 -20.53 -0.49 -31.56
C ILE A 303 -19.52 0.57 -32.04
N ASN A 304 -18.55 0.93 -31.20
CA ASN A 304 -17.61 2.00 -31.58
C ASN A 304 -16.77 1.58 -32.78
N LYS A 305 -16.51 0.30 -32.94
CA LYS A 305 -15.73 -0.13 -34.10
C LYS A 305 -16.60 -0.36 -35.35
N GLY A 306 -17.92 -0.30 -35.20
CA GLY A 306 -18.84 -0.53 -36.34
C GLY A 306 -19.11 -2.01 -36.62
N LEU A 307 -18.76 -2.91 -35.69
CA LEU A 307 -19.06 -4.35 -35.86
C LEU A 307 -20.45 -4.72 -35.36
N ILE A 308 -21.04 -3.83 -34.57
CA ILE A 308 -22.35 -4.07 -33.97
C ILE A 308 -23.17 -2.82 -34.29
N ASP A 309 -24.43 -3.02 -34.60
CA ASP A 309 -25.25 -1.95 -35.14
C ASP A 309 -25.55 -0.95 -34.02
N LYS A 310 -25.44 0.34 -34.35
CA LYS A 310 -25.67 1.45 -33.44
C LYS A 310 -27.08 1.44 -32.75
N LYS A 311 -28.03 0.71 -33.33
CA LYS A 311 -29.35 0.55 -32.69
C LYS A 311 -29.30 -0.17 -31.36
N TYR A 312 -28.21 -0.91 -31.13
CA TYR A 312 -28.02 -1.57 -29.83
C TYR A 312 -27.41 -0.67 -28.70
N THR A 313 -27.17 0.59 -29.02
CA THR A 313 -26.66 1.52 -28.02
C THR A 313 -27.50 1.62 -26.76
N PRO A 314 -28.83 1.79 -26.85
CA PRO A 314 -29.60 1.94 -25.62
C PRO A 314 -29.44 0.75 -24.68
N ALA A 315 -29.25 -0.44 -25.23
CA ALA A 315 -29.11 -1.64 -24.40
C ALA A 315 -27.73 -1.65 -23.67
N VAL A 316 -26.69 -1.36 -24.43
CA VAL A 316 -25.34 -1.15 -23.87
C VAL A 316 -25.37 -0.05 -22.81
N LYS A 317 -26.11 1.02 -23.06
CA LYS A 317 -26.21 2.09 -22.09
C LYS A 317 -27.01 1.69 -20.82
N LYS A 318 -28.08 0.93 -21.01
CA LYS A 318 -28.86 0.42 -19.92
C LYS A 318 -27.95 -0.42 -18.98
N ALA A 319 -27.07 -1.24 -19.56
CA ALA A 319 -26.14 -2.07 -18.77
C ALA A 319 -25.17 -1.17 -17.99
N TRP A 320 -24.58 -0.18 -18.64
CA TRP A 320 -23.71 0.78 -17.91
C TRP A 320 -24.38 1.51 -16.75
N LYS A 321 -25.56 2.07 -17.00
CA LYS A 321 -26.32 2.62 -15.91
C LYS A 321 -26.55 1.64 -14.75
N ALA A 322 -26.96 0.40 -15.05
CA ALA A 322 -27.20 -0.58 -13.97
C ALA A 322 -25.92 -0.77 -13.15
N MET A 323 -24.76 -0.96 -13.82
CA MET A 323 -23.49 -1.18 -13.11
C MET A 323 -23.01 0.03 -12.35
N ALA A 324 -23.22 1.21 -12.94
CA ALA A 324 -22.80 2.47 -12.29
C ALA A 324 -23.53 2.63 -10.95
N ASN A 325 -24.77 2.17 -10.91
CA ASN A 325 -25.56 2.16 -9.67
C ASN A 325 -25.18 1.06 -8.69
N CYS A 326 -24.27 0.17 -9.07
CA CYS A 326 -23.80 -0.79 -8.11
C CYS A 326 -22.44 -0.36 -7.52
N GLN A 327 -21.93 0.79 -7.95
CA GLN A 327 -20.67 1.28 -7.37
C GLN A 327 -20.94 2.01 -6.05
N HIS A 328 -20.19 1.70 -4.99
CA HIS A 328 -20.41 2.43 -3.73
C HIS A 328 -19.87 3.84 -3.80
N ASP A 329 -20.28 4.72 -2.88
CA ASP A 329 -19.72 6.10 -2.85
C ASP A 329 -18.16 6.16 -2.73
N ASP A 330 -17.55 5.19 -2.06
CA ASP A 330 -16.10 5.22 -1.92
C ASP A 330 -15.39 4.54 -3.10
N GLY A 331 -16.17 4.21 -4.16
CA GLY A 331 -15.67 3.66 -5.39
C GLY A 331 -15.77 2.15 -5.55
N ARG A 332 -15.99 1.41 -4.45
CA ARG A 332 -16.10 -0.05 -4.56
C ARG A 332 -17.11 -0.49 -5.63
N VAL A 333 -16.66 -1.33 -6.56
CA VAL A 333 -17.57 -2.02 -7.49
C VAL A 333 -18.17 -3.27 -6.87
N GLY A 334 -19.47 -3.20 -6.52
CA GLY A 334 -20.22 -4.23 -5.81
C GLY A 334 -21.03 -5.19 -6.69
N TRP A 335 -21.75 -6.13 -6.08
CA TRP A 335 -22.47 -7.17 -6.83
C TRP A 335 -21.58 -8.03 -7.75
N VAL A 336 -20.34 -8.29 -7.34
CA VAL A 336 -19.39 -9.06 -8.16
C VAL A 336 -19.32 -10.47 -7.55
N GLN A 337 -19.61 -11.50 -8.33
CA GLN A 337 -19.58 -12.86 -7.74
C GLN A 337 -18.10 -13.27 -7.51
N ASN A 338 -17.82 -13.92 -6.38
CA ASN A 338 -16.42 -14.33 -6.05
C ASN A 338 -15.93 -15.49 -6.95
N ILE A 339 -14.65 -15.89 -6.81
CA ILE A 339 -13.96 -16.79 -7.74
C ILE A 339 -14.62 -18.16 -7.75
N PRO A 343 -18.95 -20.99 -4.03
CA PRO A 343 -18.71 -19.55 -3.82
C PRO A 343 -19.87 -18.89 -3.07
N GLU A 344 -19.62 -18.06 -2.05
CA GLU A 344 -20.69 -17.28 -1.37
C GLU A 344 -21.59 -16.53 -2.40
N PRO A 345 -22.91 -16.38 -2.12
CA PRO A 345 -23.81 -15.61 -3.03
C PRO A 345 -23.35 -14.13 -3.29
N ALA A 346 -23.36 -13.63 -4.55
CA ALA A 346 -22.95 -12.23 -4.81
C ALA A 346 -23.88 -11.26 -4.11
N SER A 347 -23.34 -10.24 -3.45
CA SER A 347 -24.18 -9.32 -2.68
C SER A 347 -23.80 -7.89 -2.96
N LYS A 348 -24.51 -6.93 -2.40
CA LYS A 348 -24.15 -5.57 -2.71
C LYS A 348 -22.72 -5.19 -2.31
N ASP A 349 -22.13 -5.88 -1.36
CA ASP A 349 -20.75 -5.50 -0.91
C ASP A 349 -19.66 -6.33 -1.61
N SER A 350 -20.11 -7.33 -2.35
CA SER A 350 -19.10 -8.27 -2.87
C SER A 350 -18.37 -7.74 -4.10
N TYR A 351 -17.03 -7.87 -4.03
CA TYR A 351 -16.12 -7.24 -4.98
C TYR A 351 -15.04 -8.24 -5.38
N GLN A 352 -14.33 -7.95 -6.46
CA GLN A 352 -13.05 -8.60 -6.76
C GLN A 352 -12.20 -7.69 -7.58
N ASN A 353 -10.87 -7.88 -7.54
CA ASN A 353 -10.05 -7.07 -8.40
C ASN A 353 -10.43 -7.25 -9.89
N PHE A 354 -10.72 -8.48 -10.35
CA PHE A 354 -11.09 -8.64 -11.79
C PHE A 354 -12.46 -8.00 -12.06
N GLY A 355 -13.29 -7.86 -11.03
CA GLY A 355 -14.61 -7.15 -11.20
C GLY A 355 -14.35 -5.65 -11.39
N THR A 356 -13.45 -5.07 -10.59
CA THR A 356 -13.05 -3.70 -10.86
C THR A 356 -12.38 -3.59 -12.24
N GLY A 357 -11.53 -4.54 -12.63
CA GLY A 357 -11.00 -4.49 -14.01
C GLY A 357 -12.11 -4.47 -15.07
N ALA A 358 -13.11 -5.31 -14.91
CA ALA A 358 -14.16 -5.37 -15.91
C ALA A 358 -14.94 -4.04 -15.98
N PHE A 359 -15.22 -3.44 -14.83
CA PHE A 359 -15.89 -2.14 -14.78
C PHE A 359 -15.05 -1.07 -15.47
N LEU A 360 -13.71 -1.03 -15.24
CA LEU A 360 -12.84 -0.13 -15.97
C LEU A 360 -12.84 -0.41 -17.51
N LEU A 361 -12.81 -1.70 -17.90
CA LEU A 361 -12.96 -1.99 -19.35
C LEU A 361 -14.25 -1.37 -19.88
N ALA A 362 -15.37 -1.64 -19.20
CA ALA A 362 -16.67 -1.11 -19.71
C ALA A 362 -16.53 0.43 -19.85
N GLY A 363 -16.17 1.09 -18.76
CA GLY A 363 -16.07 2.56 -18.77
C GLY A 363 -15.19 3.04 -19.89
N SER A 364 -14.10 2.31 -20.15
CA SER A 364 -13.14 2.74 -21.14
C SER A 364 -13.77 2.79 -22.54
N GLU A 365 -14.83 2.01 -22.76
CA GLU A 365 -15.46 1.99 -24.09
C GLU A 365 -16.71 2.87 -24.10
N ILE A 366 -17.44 2.87 -23.00
CA ILE A 366 -18.66 3.71 -22.89
C ILE A 366 -18.24 5.16 -23.21
N LEU A 367 -17.09 5.58 -22.65
CA LEU A 367 -16.53 6.94 -22.87
C LEU A 367 -16.36 7.33 -24.30
N LYS A 368 -16.05 6.38 -25.17
CA LYS A 368 -15.82 6.69 -26.57
C LYS A 368 -17.05 6.58 -27.49
N MET A 369 -18.23 6.26 -26.96
CA MET A 369 -19.42 5.95 -27.80
C MET A 369 -19.96 7.11 -28.68
N ASP B 22 -25.57 3.52 16.75
CA ASP B 22 -26.05 2.39 17.57
C ASP B 22 -24.96 1.32 17.68
N VAL B 23 -24.15 1.46 18.71
CA VAL B 23 -22.94 0.67 18.81
C VAL B 23 -23.22 -0.81 19.03
N PHE B 24 -24.42 -1.25 19.40
CA PHE B 24 -24.59 -2.71 19.64
C PHE B 24 -25.21 -3.43 18.45
N ASN B 25 -25.62 -2.65 17.45
CA ASN B 25 -26.20 -3.22 16.24
C ASN B 25 -25.14 -4.03 15.46
N GLU B 26 -25.49 -5.25 15.07
CA GLU B 26 -24.57 -6.15 14.40
C GLU B 26 -23.95 -5.56 13.11
N ASP B 27 -24.73 -4.87 12.28
CA ASP B 27 -24.13 -4.23 11.11
C ASP B 27 -23.25 -3.04 11.47
N TYR B 28 -23.61 -2.32 12.51
CA TYR B 28 -22.76 -1.24 12.97
C TYR B 28 -21.38 -1.79 13.32
N ILE B 29 -21.38 -2.87 14.08
CA ILE B 29 -20.14 -3.42 14.60
C ILE B 29 -19.30 -3.99 13.44
N LYS B 30 -19.90 -4.75 12.53
CA LYS B 30 -19.19 -5.23 11.33
C LYS B 30 -18.68 -4.10 10.44
N THR B 31 -19.49 -3.07 10.19
CA THR B 31 -18.95 -1.93 9.41
C THR B 31 -17.80 -1.20 10.14
N SER B 32 -17.92 -0.98 11.47
CA SER B 32 -16.84 -0.39 12.26
C SER B 32 -15.58 -1.21 12.22
N MET B 33 -15.70 -2.54 12.29
CA MET B 33 -14.55 -3.36 12.15
C MET B 33 -13.86 -3.23 10.75
N ILE B 34 -14.66 -3.21 9.68
CA ILE B 34 -14.05 -3.08 8.37
C ILE B 34 -13.31 -1.77 8.28
N LYS B 35 -13.95 -0.68 8.78
CA LYS B 35 -13.34 0.64 8.66
C LYS B 35 -12.05 0.70 9.44
N ALA B 36 -11.98 0.05 10.62
CA ALA B 36 -10.74 0.04 11.38
C ALA B 36 -9.63 -0.67 10.57
N LEU B 37 -9.96 -1.84 9.97
CA LEU B 37 -9.04 -2.59 9.05
C LEU B 37 -8.59 -1.64 7.90
N GLU B 38 -9.55 -0.98 7.25
CA GLU B 38 -9.19 -0.17 6.08
C GLU B 38 -8.26 0.96 6.53
N TRP B 39 -8.54 1.53 7.71
CA TRP B 39 -7.76 2.69 8.12
C TRP B 39 -6.33 2.18 8.34
N GLN B 40 -6.21 1.11 9.10
CA GLN B 40 -4.88 0.58 9.44
C GLN B 40 -4.13 0.02 8.21
N GLU B 41 -4.86 -0.57 7.26
CA GLU B 41 -4.17 -1.02 6.04
C GLU B 41 -3.61 0.16 5.27
N ALA B 42 -4.30 1.33 5.31
CA ALA B 42 -3.78 2.53 4.62
C ALA B 42 -2.66 3.23 5.41
N HIS B 43 -2.41 2.80 6.67
CA HIS B 43 -1.36 3.41 7.51
C HIS B 43 -0.41 2.38 8.09
N PRO B 44 0.27 1.59 7.24
CA PRO B 44 1.14 0.54 7.78
C PRO B 44 2.21 1.09 8.67
N ILE B 45 2.59 0.34 9.67
CA ILE B 45 3.49 0.86 10.69
C ILE B 45 4.17 -0.39 11.33
N PHE B 46 5.35 -0.20 11.89
CA PHE B 46 6.04 -1.25 12.63
C PHE B 46 7.03 -0.56 13.55
N ALA B 47 7.45 -1.25 14.61
CA ALA B 47 8.52 -0.73 15.46
C ALA B 47 9.87 -0.94 14.74
N ILE B 48 10.13 -2.16 14.30
CA ILE B 48 11.43 -2.41 13.66
C ILE B 48 11.29 -3.08 12.31
N HIS B 49 10.22 -3.85 12.10
CA HIS B 49 10.02 -4.54 10.80
C HIS B 49 8.57 -4.97 10.59
N PRO B 50 8.07 -5.05 9.34
CA PRO B 50 6.69 -5.52 9.07
C PRO B 50 6.36 -6.89 9.71
N THR B 51 7.37 -7.69 9.98
CA THR B 51 7.16 -8.97 10.60
C THR B 51 7.27 -8.94 12.14
N ASP B 52 7.34 -7.77 12.71
CA ASP B 52 7.61 -7.66 14.19
C ASP B 52 6.34 -7.86 15.02
N TRP B 53 6.44 -7.81 16.38
CA TRP B 53 5.28 -8.14 17.24
C TRP B 53 4.08 -7.18 17.05
N THR B 54 4.34 -5.94 16.60
CA THR B 54 3.29 -4.93 16.48
C THR B 54 2.37 -5.41 15.35
N ASN B 55 2.95 -5.93 14.27
CA ASN B 55 2.10 -6.43 13.17
C ASN B 55 1.53 -7.80 13.51
N GLY B 56 2.25 -8.59 14.32
CA GLY B 56 1.77 -9.92 14.72
C GLY B 56 0.51 -9.73 15.53
N ALA B 57 0.54 -8.82 16.50
CA ALA B 57 -0.70 -8.57 17.28
C ALA B 57 -1.83 -8.02 16.38
N TYR B 58 -1.49 -7.09 15.49
CA TYR B 58 -2.45 -6.54 14.56
C TYR B 58 -3.10 -7.63 13.66
N TYR B 59 -2.30 -8.45 13.01
CA TYR B 59 -2.87 -9.50 12.12
C TYR B 59 -3.52 -10.63 12.91
N THR B 60 -3.16 -10.80 14.17
CA THR B 60 -3.89 -11.74 15.00
C THR B 60 -5.32 -11.26 15.18
N GLY B 61 -5.51 -9.97 15.43
CA GLY B 61 -6.88 -9.41 15.47
C GLY B 61 -7.59 -9.53 14.13
N VAL B 62 -6.88 -9.26 13.03
CA VAL B 62 -7.45 -9.51 11.66
C VAL B 62 -7.91 -10.95 11.46
N ALA B 63 -7.08 -11.91 11.90
CA ALA B 63 -7.41 -13.29 11.86
C ALA B 63 -8.69 -13.61 12.65
N ARG B 64 -8.84 -13.08 13.87
CA ARG B 64 -10.08 -13.39 14.62
C ARG B 64 -11.30 -12.68 14.02
N ALA B 65 -11.11 -11.46 13.54
CA ALA B 65 -12.20 -10.76 12.83
C ALA B 65 -12.68 -11.62 11.61
N HIS B 66 -11.74 -12.20 10.91
CA HIS B 66 -12.08 -13.11 9.79
C HIS B 66 -12.83 -14.31 10.34
N HIS B 67 -12.28 -14.91 11.40
CA HIS B 67 -12.93 -16.09 12.00
C HIS B 67 -14.40 -15.92 12.33
N THR B 68 -14.77 -14.74 12.85
CA THR B 68 -16.18 -14.45 13.17
C THR B 68 -17.03 -14.07 11.95
N THR B 69 -16.52 -13.21 11.10
CA THR B 69 -17.38 -12.63 10.01
C THR B 69 -17.21 -13.38 8.70
N LYS B 70 -16.11 -14.10 8.58
CA LYS B 70 -15.70 -14.70 7.28
C LYS B 70 -15.68 -13.69 6.13
N ASN B 71 -15.56 -12.39 6.40
CA ASN B 71 -15.50 -11.39 5.32
C ASN B 71 -14.19 -11.55 4.51
N MET B 72 -14.28 -11.67 3.18
CA MET B 72 -13.09 -11.87 2.30
C MET B 72 -12.05 -10.77 2.46
N MET B 73 -12.46 -9.58 2.85
CA MET B 73 -11.50 -8.49 2.97
C MET B 73 -10.41 -8.71 4.03
N TYR B 74 -10.80 -9.29 5.18
CA TYR B 74 -9.84 -9.72 6.21
C TYR B 74 -8.87 -10.73 5.64
N MET B 75 -9.41 -11.76 4.96
CA MET B 75 -8.54 -12.84 4.44
C MET B 75 -7.60 -12.26 3.35
N ALA B 76 -8.10 -11.33 2.51
CA ALA B 76 -7.21 -10.64 1.58
C ALA B 76 -6.02 -9.95 2.28
N ALA B 77 -6.28 -9.25 3.35
CA ALA B 77 -5.21 -8.54 4.01
C ALA B 77 -4.21 -9.49 4.63
N LEU B 78 -4.72 -10.60 5.16
CA LEU B 78 -3.87 -11.63 5.82
C LEU B 78 -2.99 -12.25 4.79
N LYS B 79 -3.57 -12.62 3.65
CA LYS B 79 -2.78 -13.25 2.59
C LYS B 79 -1.77 -12.27 2.03
N ASN B 80 -2.19 -11.02 1.83
CA ASN B 80 -1.31 -9.97 1.28
CA ASN B 80 -1.27 -10.04 1.26
C ASN B 80 0.01 -9.87 2.08
N GLN B 81 -0.14 -9.81 3.41
CA GLN B 81 1.04 -9.54 4.25
C GLN B 81 1.90 -10.81 4.35
N ALA B 82 1.27 -11.99 4.39
CA ALA B 82 2.03 -13.21 4.51
C ALA B 82 2.94 -13.44 3.26
N VAL B 83 2.35 -13.23 2.08
CA VAL B 83 3.11 -13.24 0.83
C VAL B 83 4.20 -12.17 0.76
N ALA B 84 3.87 -10.91 1.14
CA ALA B 84 4.88 -9.82 1.15
C ALA B 84 6.02 -10.11 2.08
N ASN B 85 5.74 -10.73 3.23
CA ASN B 85 6.79 -11.12 4.17
C ASN B 85 7.42 -12.46 3.93
N ASN B 86 7.02 -13.12 2.85
CA ASN B 86 7.56 -14.44 2.56
C ASN B 86 7.35 -15.53 3.66
N TRP B 87 6.28 -15.42 4.42
CA TRP B 87 5.94 -16.39 5.50
C TRP B 87 6.99 -16.48 6.61
N GLN B 88 7.75 -15.39 6.76
CA GLN B 88 8.90 -15.27 7.72
C GLN B 88 8.48 -14.63 9.01
N PRO B 89 8.83 -15.24 10.10
CA PRO B 89 8.86 -14.51 11.39
C PRO B 89 10.06 -13.53 11.35
N TYR B 90 10.20 -12.66 12.36
CA TYR B 90 11.38 -11.80 12.43
C TYR B 90 12.56 -12.67 12.98
N THR B 91 13.75 -12.10 13.18
CA THR B 91 14.93 -12.95 13.07
C THR B 91 15.67 -13.14 14.39
N ARG B 92 15.14 -12.65 15.53
CA ARG B 92 15.83 -12.87 16.82
C ARG B 92 15.18 -14.10 17.40
N LEU B 93 15.85 -15.23 17.18
CA LEU B 93 15.27 -16.53 17.47
C LEU B 93 15.05 -16.80 18.99
N TYR B 94 15.78 -16.08 19.86
CA TYR B 94 15.59 -16.18 21.30
C TYR B 94 14.39 -15.32 21.81
N HIS B 95 13.82 -14.55 20.86
CA HIS B 95 12.94 -13.43 21.20
C HIS B 95 11.45 -13.69 20.93
N ALA B 96 10.64 -13.88 21.97
CA ALA B 96 9.23 -14.19 21.75
C ALA B 96 8.47 -13.22 20.83
N ASP B 97 8.79 -11.93 20.89
CA ASP B 97 8.16 -10.95 20.03
C ASP B 97 8.25 -11.31 18.55
N ASP B 98 9.36 -11.94 18.17
CA ASP B 98 9.64 -12.13 16.75
C ASP B 98 8.77 -13.22 16.06
N VAL B 99 8.00 -13.98 16.86
CA VAL B 99 7.19 -15.07 16.32
C VAL B 99 5.71 -14.78 16.36
N ALA B 100 5.37 -13.64 16.94
CA ALA B 100 3.96 -13.30 17.02
C ALA B 100 3.24 -13.27 15.62
N ILE B 101 3.93 -12.78 14.59
CA ILE B 101 3.38 -12.78 13.24
C ILE B 101 2.99 -14.14 12.72
N SER B 102 3.56 -15.21 13.30
CA SER B 102 3.26 -16.54 12.76
C SER B 102 1.85 -16.94 13.10
N TYR B 103 1.21 -16.24 14.01
CA TYR B 103 -0.17 -16.64 14.33
C TYR B 103 -1.00 -16.47 13.04
N SER B 104 -0.83 -15.31 12.41
CA SER B 104 -1.52 -15.02 11.15
C SER B 104 -1.13 -16.06 10.10
N TYR B 105 0.15 -16.44 10.03
CA TYR B 105 0.54 -17.45 9.01
C TYR B 105 -0.16 -18.79 9.23
N LEU B 106 -0.23 -19.17 10.51
CA LEU B 106 -0.86 -20.44 10.86
C LEU B 106 -2.34 -20.39 10.56
N TYR B 107 -2.96 -19.24 10.82
CA TYR B 107 -4.37 -19.05 10.63
C TYR B 107 -4.72 -19.19 9.13
N VAL B 108 -3.97 -18.46 8.29
CA VAL B 108 -4.18 -18.54 6.83
C VAL B 108 -3.95 -19.99 6.32
N ALA B 109 -2.83 -20.60 6.74
CA ALA B 109 -2.54 -22.00 6.37
C ALA B 109 -3.74 -22.92 6.68
N GLU B 110 -4.43 -22.71 7.79
CA GLU B 110 -5.52 -23.58 8.20
C GLU B 110 -6.78 -23.27 7.41
N ASN B 111 -7.00 -21.98 7.14
CA ASN B 111 -8.29 -21.51 6.64
C ASN B 111 -8.33 -21.21 5.15
N GLU B 112 -7.18 -21.19 4.49
CA GLU B 112 -7.08 -20.96 3.04
C GLU B 112 -6.56 -22.26 2.52
N LYS B 113 -7.48 -23.08 1.99
CA LYS B 113 -7.10 -24.41 1.58
C LYS B 113 -6.64 -24.27 0.14
N ARG B 114 -5.32 -24.13 -0.04
CA ARG B 114 -4.74 -23.88 -1.35
C ARG B 114 -3.33 -24.50 -1.39
N ARG B 115 -2.97 -25.36 -2.36
CA ARG B 115 -1.63 -26.00 -2.30
C ARG B 115 -0.59 -24.95 -2.82
N ASN B 116 0.69 -25.20 -2.50
CA ASN B 116 1.85 -24.38 -2.96
C ASN B 116 1.62 -22.91 -2.67
N PHE B 117 1.09 -22.63 -1.51
CA PHE B 117 0.85 -21.27 -1.07
C PHE B 117 1.40 -21.04 0.37
N SER B 118 0.72 -21.43 1.42
CA SER B 118 1.23 -21.09 2.76
C SER B 118 2.50 -21.91 3.03
N ASP B 119 3.37 -21.39 3.90
CA ASP B 119 4.61 -22.11 4.20
C ASP B 119 4.85 -21.92 5.69
N LEU B 120 4.87 -23.02 6.39
CA LEU B 120 5.04 -23.03 7.83
C LEU B 120 6.46 -23.42 8.26
N GLU B 121 7.32 -23.78 7.31
CA GLU B 121 8.75 -24.08 7.62
C GLU B 121 9.52 -22.97 8.41
N PRO B 122 9.37 -21.69 8.02
CA PRO B 122 10.12 -20.63 8.69
C PRO B 122 9.60 -20.48 10.15
N THR B 123 8.32 -20.75 10.38
CA THR B 123 7.75 -20.76 11.72
C THR B 123 8.29 -21.96 12.52
N LYS B 124 8.21 -23.15 11.94
CA LYS B 124 8.76 -24.34 12.58
C LYS B 124 10.25 -24.09 12.98
N LYS B 125 11.06 -23.54 12.07
CA LYS B 125 12.46 -23.28 12.34
C LYS B 125 12.67 -22.35 13.50
N PHE B 126 11.98 -21.22 13.50
CA PHE B 126 11.94 -20.31 14.68
C PHE B 126 11.64 -21.07 15.96
N LEU B 127 10.48 -21.74 16.01
CA LEU B 127 10.01 -22.40 17.25
C LEU B 127 11.00 -23.48 17.77
N ASP B 128 11.59 -24.25 16.87
CA ASP B 128 12.58 -25.21 17.29
C ASP B 128 13.79 -24.58 17.96
N THR B 129 14.31 -23.52 17.39
CA THR B 129 15.43 -22.80 18.04
C THR B 129 14.97 -22.18 19.35
N HIS B 130 13.84 -21.46 19.27
CA HIS B 130 13.31 -20.72 20.43
C HIS B 130 13.13 -21.69 21.58
N LEU B 131 12.58 -22.87 21.29
CA LEU B 131 12.14 -23.71 22.37
C LEU B 131 13.19 -24.73 22.90
N TYR B 132 14.13 -25.14 22.07
CA TYR B 132 14.92 -26.35 22.33
C TYR B 132 16.39 -26.03 22.33
N GLU B 133 16.76 -24.86 21.83
CA GLU B 133 18.15 -24.43 21.77
C GLU B 133 18.48 -23.51 22.95
N ASP B 134 19.72 -23.55 23.42
CA ASP B 134 20.11 -22.63 24.47
C ASP B 134 20.19 -21.17 23.98
N ASN B 135 20.02 -20.22 24.90
CA ASN B 135 20.31 -18.81 24.55
C ASN B 135 20.62 -18.09 25.85
N ALA B 136 21.11 -16.86 25.73
CA ALA B 136 21.58 -16.08 26.90
C ALA B 136 20.47 -15.87 27.92
N TRP B 137 19.21 -15.71 27.46
CA TRP B 137 18.13 -15.52 28.41
C TRP B 137 17.81 -16.76 29.20
N LYS B 138 17.70 -17.88 28.52
CA LYS B 138 17.59 -19.20 29.22
C LYS B 138 18.79 -19.48 30.15
N ALA B 139 19.99 -19.07 29.76
CA ALA B 139 21.14 -19.41 30.58
C ALA B 139 21.08 -18.63 31.94
N GLY B 140 20.34 -17.53 32.03
CA GLY B 140 20.20 -16.84 33.34
C GLY B 140 21.43 -16.02 33.75
N THR B 141 22.27 -15.71 32.79
CA THR B 141 23.54 -15.02 32.98
C THR B 141 23.40 -13.48 32.91
N ASN B 142 22.31 -12.99 32.30
CA ASN B 142 21.92 -11.55 32.30
C ASN B 142 21.86 -10.95 33.70
N ARG B 143 22.43 -9.77 33.87
CA ARG B 143 22.29 -9.13 35.15
C ARG B 143 21.84 -7.70 34.85
N SER B 144 20.58 -7.52 34.57
CA SER B 144 20.01 -6.19 34.37
C SER B 144 18.78 -6.00 35.27
N LYS B 145 18.29 -4.75 35.33
CA LYS B 145 17.08 -4.41 36.11
C LYS B 145 15.86 -5.22 35.60
N GLU B 146 15.76 -5.32 34.28
CA GLU B 146 14.65 -6.03 33.67
C GLU B 146 14.79 -7.55 33.93
N ASP B 147 15.98 -7.97 34.32
CA ASP B 147 16.16 -9.36 34.81
C ASP B 147 15.86 -10.43 33.72
N LYS B 148 16.62 -10.37 32.62
CA LYS B 148 16.34 -11.19 31.42
C LYS B 148 16.98 -12.57 31.57
N THR B 149 16.44 -13.37 32.50
CA THR B 149 17.08 -14.57 33.02
C THR B 149 16.13 -15.78 32.91
N ILE B 150 14.98 -15.61 32.24
CA ILE B 150 14.17 -16.76 31.79
C ILE B 150 13.74 -16.31 30.39
N LEU B 151 13.35 -17.28 29.55
CA LEU B 151 13.01 -17.05 28.15
C LEU B 151 11.92 -15.95 28.01
N TRP B 152 10.85 -16.05 28.80
CA TRP B 152 9.77 -15.10 28.77
C TRP B 152 9.79 -14.28 30.04
N TRP B 153 10.74 -13.35 30.12
CA TRP B 153 11.03 -12.57 31.36
C TRP B 153 10.12 -11.36 31.45
N TRP B 154 9.27 -11.14 30.47
CA TRP B 154 8.30 -10.05 30.60
C TRP B 154 6.93 -10.52 30.24
N CYS B 155 5.90 -9.92 30.83
CA CYS B 155 4.59 -10.55 30.77
C CYS B 155 3.99 -10.48 29.35
N ASP B 156 4.37 -9.49 28.54
CA ASP B 156 3.81 -9.42 27.19
C ASP B 156 4.10 -10.64 26.31
N ALA B 157 5.24 -11.29 26.57
CA ALA B 157 5.67 -12.46 25.85
C ALA B 157 4.55 -13.50 25.87
N LEU B 158 3.75 -13.50 26.91
CA LEU B 158 2.68 -14.54 27.04
C LEU B 158 1.56 -14.38 26.01
N PHE B 159 1.44 -13.22 25.36
CA PHE B 159 0.59 -13.12 24.13
C PHE B 159 1.36 -13.59 22.88
N MET B 160 2.68 -13.32 22.81
CA MET B 160 3.40 -13.35 21.54
C MET B 160 3.65 -14.80 21.14
N ALA B 161 4.11 -15.61 22.10
CA ALA B 161 4.62 -16.95 21.78
C ALA B 161 3.64 -18.09 22.08
N PRO B 162 3.04 -18.12 23.29
CA PRO B 162 2.16 -19.27 23.58
C PRO B 162 1.04 -19.56 22.59
N PRO B 163 0.24 -18.53 22.17
CA PRO B 163 -0.82 -18.87 21.17
C PRO B 163 -0.25 -19.44 19.87
N VAL B 164 0.93 -18.99 19.42
CA VAL B 164 1.52 -19.53 18.19
C VAL B 164 1.98 -20.97 18.44
N ILE B 165 2.63 -21.24 19.57
CA ILE B 165 3.14 -22.62 19.84
C ILE B 165 1.97 -23.63 19.91
N ASN B 166 0.87 -23.17 20.52
CA ASN B 166 -0.34 -23.95 20.69
C ASN B 166 -1.02 -24.26 19.34
N LEU B 167 -1.21 -23.25 18.48
CA LEU B 167 -1.78 -23.46 17.16
C LEU B 167 -0.80 -24.30 16.29
N TYR B 168 0.51 -24.10 16.45
CA TYR B 168 1.47 -24.93 15.71
C TYR B 168 1.38 -26.43 16.07
N ALA B 169 1.37 -26.70 17.38
CA ALA B 169 1.24 -28.03 17.95
C ALA B 169 -0.05 -28.68 17.46
N LYS B 170 -1.12 -27.92 17.40
CA LYS B 170 -2.40 -28.46 16.96
C LYS B 170 -2.37 -28.81 15.46
N GLN B 171 -2.03 -27.85 14.61
CA GLN B 171 -1.98 -28.04 13.15
C GLN B 171 -0.96 -29.08 12.73
N SER B 172 0.18 -29.17 13.40
CA SER B 172 1.17 -30.14 13.03
C SER B 172 1.02 -31.50 13.73
N GLU B 173 0.09 -31.60 14.69
CA GLU B 173 -0.11 -32.82 15.49
C GLU B 173 1.11 -33.26 16.25
N GLN B 174 1.82 -32.28 16.84
CA GLN B 174 3.02 -32.54 17.64
C GLN B 174 2.84 -31.94 19.06
N PRO B 175 2.20 -32.73 19.96
CA PRO B 175 1.84 -32.26 21.30
C PRO B 175 3.02 -31.89 22.13
N GLU B 176 4.23 -32.36 21.78
CA GLU B 176 5.40 -32.08 22.63
C GLU B 176 5.72 -30.59 22.67
N TYR B 177 5.39 -29.82 21.62
CA TYR B 177 5.58 -28.38 21.68
C TYR B 177 4.82 -27.78 22.88
N LEU B 178 3.68 -28.37 23.24
CA LEU B 178 2.86 -27.81 24.31
C LEU B 178 3.55 -27.95 25.62
N ASP B 179 4.29 -29.05 25.78
CA ASP B 179 5.03 -29.28 27.01
C ASP B 179 6.13 -28.26 27.21
N GLU B 180 6.82 -27.98 26.12
CA GLU B 180 7.88 -27.00 26.17
C GLU B 180 7.26 -25.60 26.47
N MET B 181 6.13 -25.31 25.83
CA MET B 181 5.40 -24.06 26.06
C MET B 181 5.09 -23.93 27.56
N HIS B 182 4.60 -25.02 28.16
CA HIS B 182 4.19 -25.02 29.56
C HIS B 182 5.36 -24.73 30.46
N LYS B 183 6.50 -25.35 30.19
CA LYS B 183 7.65 -25.13 31.04
C LYS B 183 7.95 -23.63 31.10
N TYR B 184 7.92 -22.96 29.94
CA TYR B 184 8.35 -21.55 29.97
C TYR B 184 7.25 -20.64 30.50
N TYR B 185 6.00 -21.04 30.32
CA TYR B 185 4.89 -20.22 30.75
C TYR B 185 4.92 -20.23 32.28
N MET B 186 5.25 -21.39 32.86
CA MET B 186 5.26 -21.54 34.34
C MET B 186 6.34 -20.67 34.97
N GLU B 187 7.49 -20.55 34.28
CA GLU B 187 8.56 -19.67 34.76
C GLU B 187 8.03 -18.24 34.81
N THR B 188 7.38 -17.78 33.74
CA THR B 188 6.85 -16.41 33.77
C THR B 188 5.83 -16.21 34.91
N TYR B 189 4.91 -17.13 34.99
CA TYR B 189 3.85 -17.14 35.98
C TYR B 189 4.43 -17.09 37.42
N ASN B 190 5.38 -17.96 37.69
CA ASN B 190 6.00 -18.04 39.02
C ASN B 190 6.78 -16.80 39.41
N ARG B 191 7.32 -16.11 38.41
CA ARG B 191 7.98 -14.85 38.63
C ARG B 191 7.04 -13.64 38.75
N LEU B 192 6.08 -13.49 37.86
CA LEU B 192 5.44 -12.18 37.72
C LEU B 192 3.98 -12.16 38.09
N TYR B 193 3.35 -13.34 38.24
CA TYR B 193 1.91 -13.32 38.58
C TYR B 193 1.78 -13.03 40.09
N ASP B 194 1.10 -11.96 40.41
CA ASP B 194 0.95 -11.53 41.80
C ASP B 194 -0.28 -12.24 42.32
N LYS B 195 -0.06 -13.31 43.09
CA LYS B 195 -1.17 -14.14 43.65
C LYS B 195 -2.18 -13.43 44.52
N GLU B 196 -1.76 -12.38 45.21
CA GLU B 196 -2.70 -11.61 46.01
C GLU B 196 -3.51 -10.70 45.12
N GLU B 197 -2.90 -10.04 44.14
CA GLU B 197 -3.68 -9.08 43.31
C GLU B 197 -4.34 -9.70 42.06
N LYS B 198 -3.96 -10.94 41.70
CA LYS B 198 -4.49 -11.65 40.53
C LYS B 198 -4.14 -10.88 39.22
N LEU B 199 -2.97 -10.24 39.16
CA LEU B 199 -2.57 -9.53 37.95
C LEU B 199 -1.06 -9.79 37.78
N PHE B 200 -0.55 -9.54 36.55
CA PHE B 200 0.89 -9.73 36.30
C PHE B 200 1.69 -8.41 36.43
N ALA B 201 2.81 -8.45 37.13
CA ALA B 201 3.84 -7.41 36.95
C ALA B 201 4.46 -7.59 35.55
N ARG B 202 4.87 -6.47 34.96
CA ARG B 202 5.40 -6.52 33.59
C ARG B 202 6.77 -7.25 33.54
N ASP B 203 7.63 -7.02 34.54
CA ASP B 203 8.96 -7.67 34.60
C ASP B 203 9.45 -7.48 36.05
N SER B 204 10.61 -8.04 36.40
CA SER B 204 11.04 -8.03 37.82
C SER B 204 11.10 -6.65 38.50
N ARG B 205 11.36 -5.62 37.72
CA ARG B 205 11.43 -4.24 38.28
C ARG B 205 10.14 -3.88 39.03
N PHE B 206 9.01 -4.48 38.64
CA PHE B 206 7.71 -4.05 39.18
C PHE B 206 7.21 -4.96 40.30
N VAL B 207 7.97 -5.99 40.66
CA VAL B 207 7.62 -6.87 41.77
C VAL B 207 8.10 -6.14 43.04
N TRP B 208 7.26 -6.09 44.08
CA TRP B 208 7.67 -5.37 45.32
C TRP B 208 8.59 -6.24 46.17
N ASP B 209 9.60 -5.66 46.81
CA ASP B 209 10.33 -6.31 47.89
C ASP B 209 9.75 -5.89 49.20
N GLY B 210 8.88 -4.89 49.17
CA GLY B 210 8.23 -4.40 50.36
C GLY B 210 8.95 -3.26 51.04
N ASP B 211 9.65 -2.38 50.33
CA ASP B 211 10.31 -1.26 51.05
C ASP B 211 10.19 0.01 50.27
N ASP B 212 10.86 1.03 50.75
CA ASP B 212 10.72 2.37 50.17
C ASP B 212 11.37 2.52 48.78
N GLU B 213 12.10 1.51 48.30
CA GLU B 213 12.66 1.59 46.95
C GLU B 213 11.85 0.88 45.87
N ASP B 214 10.66 0.38 46.20
CA ASP B 214 9.87 -0.37 45.19
C ASP B 214 9.36 0.66 44.19
N LYS B 215 9.08 0.25 42.95
CA LYS B 215 8.35 1.04 42.01
C LYS B 215 6.84 1.03 42.31
N LYS B 216 6.23 2.22 42.35
CA LYS B 216 4.84 2.33 42.76
C LYS B 216 4.16 3.31 41.83
N GLU B 217 2.84 3.23 41.77
CA GLU B 217 2.07 4.22 41.01
C GLU B 217 2.08 5.55 41.78
N PRO B 218 1.50 6.62 41.20
CA PRO B 218 1.50 7.91 41.87
C PRO B 218 0.69 7.88 43.17
N ASN B 219 -0.30 6.97 43.25
CA ASN B 219 -1.03 6.79 44.52
C ASN B 219 -0.44 5.72 45.47
N GLY B 220 0.79 5.25 45.21
CA GLY B 220 1.41 4.30 46.14
C GLY B 220 1.09 2.83 45.90
N GLU B 221 0.18 2.52 44.97
CA GLU B 221 -0.17 1.08 44.70
C GLU B 221 0.88 0.40 43.84
N LYS B 222 0.85 -0.93 43.81
CA LYS B 222 1.62 -1.67 42.80
C LYS B 222 1.26 -1.25 41.36
N VAL B 223 2.26 -1.34 40.49
CA VAL B 223 2.12 -1.03 39.07
C VAL B 223 1.68 -2.32 38.33
N PHE B 224 0.48 -2.24 37.78
CA PHE B 224 -0.07 -3.29 36.93
C PHE B 224 -0.59 -2.53 35.71
N TRP B 225 0.06 -2.82 34.59
CA TRP B 225 -0.20 -2.08 33.39
C TRP B 225 -1.35 -2.73 32.65
N SER B 226 -2.34 -1.91 32.21
CA SER B 226 -3.53 -2.45 31.58
C SER B 226 -3.20 -3.27 30.30
N ARG B 227 -2.55 -2.65 29.28
CA ARG B 227 -2.15 -3.43 28.10
C ARG B 227 -1.28 -4.62 28.51
N GLY B 228 -0.40 -4.42 29.47
CA GLY B 228 0.46 -5.55 29.90
C GLY B 228 -0.41 -6.73 30.31
N ASN B 229 -1.44 -6.49 31.12
CA ASN B 229 -2.30 -7.58 31.54
C ASN B 229 -3.25 -8.02 30.41
N GLY B 230 -3.64 -7.05 29.58
CA GLY B 230 -4.33 -7.38 28.33
C GLY B 230 -3.63 -8.39 27.47
N TRP B 231 -2.29 -8.30 27.36
CA TRP B 231 -1.56 -9.31 26.60
C TRP B 231 -1.76 -10.66 27.18
N VAL B 232 -1.63 -10.77 28.51
CA VAL B 232 -1.73 -12.07 29.14
C VAL B 232 -3.11 -12.67 29.00
N ILE B 233 -4.12 -11.87 29.35
CA ILE B 233 -5.48 -12.45 29.38
C ILE B 233 -5.98 -12.73 27.95
N GLY B 234 -5.63 -11.85 26.98
CA GLY B 234 -5.96 -12.08 25.55
C GLY B 234 -5.20 -13.30 25.02
N GLY B 235 -3.98 -13.51 25.52
CA GLY B 235 -3.20 -14.70 25.16
C GLY B 235 -3.90 -15.95 25.72
N LEU B 236 -4.40 -15.87 26.97
CA LEU B 236 -5.21 -16.95 27.56
C LEU B 236 -6.44 -17.29 26.76
N ALA B 237 -7.19 -16.26 26.33
CA ALA B 237 -8.38 -16.55 25.53
C ALA B 237 -7.97 -17.24 24.20
N LEU B 238 -6.94 -16.72 23.48
CA LEU B 238 -6.48 -17.40 22.25
C LEU B 238 -5.99 -18.82 22.54
N LEU B 239 -5.28 -19.00 23.64
CA LEU B 239 -4.78 -20.29 23.96
C LEU B 239 -5.94 -21.30 24.20
N LEU B 240 -6.84 -21.01 25.16
CA LEU B 240 -7.91 -21.89 25.54
C LEU B 240 -8.89 -22.13 24.35
N GLU B 241 -8.95 -21.21 23.39
CA GLU B 241 -9.75 -21.36 22.17
C GLU B 241 -9.36 -22.61 21.42
N ASP B 242 -8.07 -22.97 21.42
CA ASP B 242 -7.54 -24.05 20.58
C ASP B 242 -6.78 -25.14 21.30
N MET B 243 -6.62 -25.04 22.63
CA MET B 243 -5.83 -26.02 23.34
C MET B 243 -6.76 -27.28 23.49
N PRO B 244 -6.22 -28.51 23.40
CA PRO B 244 -7.16 -29.66 23.56
C PRO B 244 -7.88 -29.65 24.89
N GLU B 245 -9.19 -29.91 24.81
CA GLU B 245 -10.06 -30.11 25.96
C GLU B 245 -9.42 -30.93 27.07
N ASP B 246 -8.62 -31.92 26.71
CA ASP B 246 -8.12 -32.84 27.68
C ASP B 246 -6.61 -32.69 27.82
N TYR B 247 -6.04 -31.56 27.39
CA TYR B 247 -4.62 -31.34 27.62
C TYR B 247 -4.31 -31.39 29.13
N LYS B 248 -3.20 -32.03 29.48
CA LYS B 248 -2.96 -32.38 30.88
C LYS B 248 -2.80 -31.16 31.79
N HIS B 249 -2.44 -29.98 31.23
CA HIS B 249 -2.31 -28.76 32.08
C HIS B 249 -3.42 -27.74 31.86
N ARG B 250 -4.50 -28.13 31.21
CA ARG B 250 -5.49 -27.15 30.81
C ARG B 250 -6.08 -26.39 31.99
N ASP B 251 -6.33 -27.12 33.08
CA ASP B 251 -6.95 -26.52 34.25
C ASP B 251 -6.16 -25.34 34.81
N PHE B 252 -4.82 -25.44 34.76
CA PHE B 252 -3.95 -24.35 35.15
C PHE B 252 -4.34 -23.03 34.39
N TYR B 253 -4.54 -23.17 33.07
CA TYR B 253 -4.82 -22.00 32.19
C TYR B 253 -6.21 -21.52 32.40
N VAL B 254 -7.16 -22.46 32.50
CA VAL B 254 -8.53 -22.07 32.77
C VAL B 254 -8.59 -21.29 34.10
N ASN B 255 -7.91 -21.75 35.14
CA ASN B 255 -8.03 -21.06 36.43
CA ASN B 255 -8.02 -21.08 36.45
C ASN B 255 -7.35 -19.67 36.47
N LEU B 256 -6.16 -19.59 35.89
CA LEU B 256 -5.50 -18.28 35.71
C LEU B 256 -6.42 -17.30 34.98
N TYR B 257 -6.96 -17.74 33.85
CA TYR B 257 -7.91 -16.96 33.10
C TYR B 257 -9.07 -16.47 33.97
N LYS B 258 -9.73 -17.35 34.73
CA LYS B 258 -10.82 -16.93 35.58
C LYS B 258 -10.40 -15.97 36.68
N GLU B 259 -9.25 -16.23 37.30
CA GLU B 259 -8.75 -15.31 38.35
C GLU B 259 -8.48 -13.94 37.79
N MET B 260 -7.75 -13.87 36.65
CA MET B 260 -7.50 -12.56 36.07
C MET B 260 -8.76 -11.91 35.59
N ALA B 261 -9.71 -12.68 35.02
CA ALA B 261 -10.90 -12.06 34.50
C ALA B 261 -11.64 -11.40 35.65
N SER B 262 -11.73 -12.14 36.75
CA SER B 262 -12.44 -11.66 37.93
C SER B 262 -11.93 -10.33 38.43
N ARG B 263 -10.61 -10.19 38.53
CA ARG B 263 -10.01 -8.91 38.96
C ARG B 263 -10.26 -7.78 37.96
N ILE B 264 -10.01 -8.07 36.67
CA ILE B 264 -10.14 -7.04 35.67
C ILE B 264 -11.55 -6.49 35.65
N LEU B 265 -12.56 -7.36 35.78
CA LEU B 265 -13.94 -6.94 35.88
C LEU B 265 -14.13 -6.03 37.06
N GLU B 266 -13.59 -6.46 38.18
CA GLU B 266 -13.83 -5.78 39.44
C GLU B 266 -13.29 -4.37 39.41
N ILE B 267 -12.16 -4.16 38.70
CA ILE B 267 -11.50 -2.83 38.67
C ILE B 267 -11.87 -2.02 37.45
N GLN B 268 -12.85 -2.48 36.67
CA GLN B 268 -13.24 -1.69 35.50
C GLN B 268 -13.78 -0.31 35.92
N PRO B 269 -13.21 0.79 35.39
CA PRO B 269 -13.77 2.12 35.69
C PRO B 269 -15.23 2.33 35.26
N GLU B 270 -15.88 3.28 35.95
CA GLU B 270 -17.28 3.66 35.75
C GLU B 270 -17.65 3.85 34.25
N ASP B 271 -16.81 4.56 33.49
CA ASP B 271 -17.20 4.91 32.11
C ASP B 271 -16.90 3.72 31.13
N GLY B 272 -16.43 2.58 31.65
CA GLY B 272 -16.28 1.38 30.83
C GLY B 272 -14.88 1.07 30.30
N LEU B 273 -14.06 2.11 30.13
CA LEU B 273 -12.69 2.04 29.65
C LEU B 273 -11.66 1.92 30.80
N TRP B 274 -10.81 0.90 30.77
CA TRP B 274 -9.73 0.74 31.76
C TRP B 274 -8.68 1.78 31.43
N ARG B 275 -8.10 2.43 32.46
CA ARG B 275 -6.97 3.35 32.23
C ARG B 275 -5.73 2.55 32.02
N THR B 276 -4.68 3.20 31.54
CA THR B 276 -3.43 2.53 31.31
C THR B 276 -2.85 1.92 32.61
N SER B 277 -3.13 2.58 33.74
CA SER B 277 -2.79 2.03 35.07
C SER B 277 -4.03 1.35 35.67
N LEU B 278 -3.88 0.08 36.05
CA LEU B 278 -4.99 -0.68 36.62
C LEU B 278 -5.30 -0.24 38.05
N LEU B 279 -4.28 0.01 38.87
CA LEU B 279 -4.55 0.39 40.29
C LEU B 279 -4.43 1.88 40.59
N SER B 280 -4.02 2.67 39.60
CA SER B 280 -4.04 4.11 39.79
C SER B 280 -4.69 4.83 38.60
N PRO B 281 -5.96 4.49 38.31
CA PRO B 281 -6.63 5.02 37.09
C PRO B 281 -6.88 6.53 37.23
N GLU B 282 -7.01 7.02 38.47
CA GLU B 282 -7.19 8.47 38.70
C GLU B 282 -5.97 9.30 38.21
N SER B 283 -4.81 8.67 37.98
CA SER B 283 -3.70 9.40 37.35
C SER B 283 -3.89 9.77 35.87
N TYR B 284 -4.97 9.29 35.23
CA TYR B 284 -5.15 9.58 33.81
C TYR B 284 -6.49 10.21 33.62
N ASP B 285 -6.63 11.05 32.60
CA ASP B 285 -7.86 11.77 32.42
C ASP B 285 -8.82 10.98 31.58
N HIS B 286 -8.34 10.03 30.79
CA HIS B 286 -9.23 9.29 29.94
C HIS B 286 -8.78 7.85 29.93
N GLY B 287 -9.68 6.94 29.60
CA GLY B 287 -9.35 5.50 29.55
C GLY B 287 -8.49 5.23 28.32
N GLU B 288 -7.91 4.04 28.22
CA GLU B 288 -6.91 3.82 27.14
C GLU B 288 -7.49 2.65 26.34
N VAL B 289 -7.47 2.73 25.01
CA VAL B 289 -8.26 1.73 24.21
C VAL B 289 -7.65 0.35 24.03
N SER B 290 -6.33 0.26 23.84
CA SER B 290 -5.73 -1.01 23.45
C SER B 290 -5.84 -2.04 24.62
N GLY B 291 -5.50 -1.63 25.86
CA GLY B 291 -5.65 -2.61 26.97
C GLY B 291 -7.13 -2.99 27.18
N SER B 292 -8.02 -1.98 27.14
CA SER B 292 -9.48 -2.17 27.27
C SER B 292 -9.98 -3.13 26.19
N ALA B 293 -9.47 -2.97 24.97
CA ALA B 293 -9.85 -3.90 23.87
C ALA B 293 -9.41 -5.37 24.11
N PHE B 294 -8.19 -5.59 24.58
CA PHE B 294 -7.77 -6.93 24.98
C PHE B 294 -8.62 -7.49 26.10
N HIS B 295 -8.91 -6.68 27.13
CA HIS B 295 -9.82 -7.19 28.20
C HIS B 295 -11.21 -7.53 27.67
N THR B 296 -11.78 -6.64 26.87
CA THR B 296 -13.13 -6.84 26.30
C THR B 296 -13.15 -8.10 25.37
N PHE B 297 -12.16 -8.24 24.49
CA PHE B 297 -11.93 -9.51 23.79
C PHE B 297 -11.93 -10.70 24.73
N ALA B 298 -11.07 -10.69 25.76
CA ALA B 298 -10.91 -11.90 26.59
C ALA B 298 -12.17 -12.19 27.42
N LEU B 299 -12.76 -11.13 27.96
CA LEU B 299 -14.03 -11.23 28.68
C LEU B 299 -15.21 -11.71 27.82
N ALA B 300 -15.45 -11.08 26.68
CA ALA B 300 -16.55 -11.49 25.79
C ALA B 300 -16.33 -12.95 25.37
N TRP B 301 -15.08 -13.31 25.12
CA TRP B 301 -14.72 -14.67 24.76
C TRP B 301 -15.14 -15.64 25.85
N GLY B 302 -14.82 -15.32 27.10
CA GLY B 302 -15.15 -16.17 28.23
C GLY B 302 -16.63 -16.24 28.55
N ILE B 303 -17.34 -15.13 28.43
CA ILE B 303 -18.79 -15.24 28.51
C ILE B 303 -19.35 -16.15 27.38
N ASN B 304 -18.92 -15.90 26.15
CA ASN B 304 -19.40 -16.71 25.03
C ASN B 304 -19.07 -18.18 25.23
N LYS B 305 -17.95 -18.51 25.86
CA LYS B 305 -17.62 -19.88 26.11
C LYS B 305 -18.22 -20.46 27.40
N GLY B 306 -18.96 -19.65 28.15
CA GLY B 306 -19.44 -20.10 29.46
C GLY B 306 -18.40 -20.23 30.54
N LEU B 307 -17.19 -19.64 30.37
CA LEU B 307 -16.20 -19.64 31.49
C LEU B 307 -16.41 -18.50 32.49
N ILE B 308 -17.17 -17.51 32.06
CA ILE B 308 -17.48 -16.27 32.82
C ILE B 308 -19.01 -16.19 32.85
N ASP B 309 -19.58 -15.87 34.02
CA ASP B 309 -21.01 -15.76 34.22
C ASP B 309 -21.60 -14.67 33.31
N LYS B 310 -22.74 -14.99 32.69
CA LYS B 310 -23.45 -14.13 31.76
C LYS B 310 -23.89 -12.81 32.37
N LYS B 311 -23.97 -12.73 33.69
CA LYS B 311 -24.35 -11.47 34.32
C LYS B 311 -23.30 -10.40 34.09
N TYR B 312 -22.10 -10.82 33.65
CA TYR B 312 -21.06 -9.83 33.31
C TYR B 312 -21.21 -9.18 31.93
N THR B 313 -22.19 -9.66 31.16
CA THR B 313 -22.46 -9.11 29.83
C THR B 313 -22.56 -7.55 29.81
N PRO B 314 -23.31 -6.93 30.76
CA PRO B 314 -23.39 -5.46 30.67
C PRO B 314 -22.05 -4.72 30.87
N ALA B 315 -21.15 -5.26 31.70
CA ALA B 315 -19.84 -4.63 31.89
C ALA B 315 -18.98 -4.74 30.59
N VAL B 316 -19.00 -5.92 29.98
CA VAL B 316 -18.30 -6.12 28.71
C VAL B 316 -18.90 -5.24 27.59
N LYS B 317 -20.22 -5.09 27.56
CA LYS B 317 -20.85 -4.18 26.57
C LYS B 317 -20.52 -2.69 26.78
N LYS B 318 -20.46 -2.22 28.02
CA LYS B 318 -20.13 -0.83 28.34
C LYS B 318 -18.71 -0.46 27.81
N ALA B 319 -17.76 -1.39 27.93
CA ALA B 319 -16.37 -1.25 27.41
C ALA B 319 -16.43 -1.11 25.88
N TRP B 320 -17.17 -2.05 25.26
CA TRP B 320 -17.38 -2.04 23.82
C TRP B 320 -17.94 -0.71 23.41
N LYS B 321 -19.02 -0.25 24.04
CA LYS B 321 -19.53 1.09 23.73
C LYS B 321 -18.48 2.18 23.86
N ALA B 322 -17.74 2.19 24.96
CA ALA B 322 -16.76 3.26 25.17
C ALA B 322 -15.67 3.24 24.05
N MET B 323 -15.18 2.04 23.68
CA MET B 323 -14.10 1.94 22.64
C MET B 323 -14.67 2.33 21.29
N ALA B 324 -15.92 1.93 21.01
CA ALA B 324 -16.52 2.27 19.74
C ALA B 324 -16.59 3.76 19.55
N ASN B 325 -16.83 4.48 20.62
CA ASN B 325 -16.89 5.91 20.57
C ASN B 325 -15.51 6.58 20.50
N CYS B 326 -14.43 5.82 20.62
CA CYS B 326 -13.11 6.42 20.33
C CYS B 326 -12.65 6.27 18.88
N GLN B 327 -13.51 5.70 18.01
CA GLN B 327 -13.10 5.41 16.62
C GLN B 327 -13.48 6.59 15.77
N HIS B 328 -12.54 7.16 15.01
CA HIS B 328 -12.78 8.32 14.11
C HIS B 328 -13.66 7.94 12.96
N ASP B 329 -14.30 8.92 12.32
CA ASP B 329 -15.19 8.65 11.20
C ASP B 329 -14.50 7.94 10.03
N ASP B 330 -13.18 8.17 9.85
CA ASP B 330 -12.46 7.51 8.78
C ASP B 330 -11.93 6.14 9.23
N GLY B 331 -12.30 5.68 10.43
CA GLY B 331 -11.95 4.35 10.90
C GLY B 331 -10.81 4.25 11.93
N ARG B 332 -9.96 5.25 12.05
CA ARG B 332 -8.85 5.22 13.05
C ARG B 332 -9.35 4.85 14.47
N VAL B 333 -8.75 3.83 15.07
CA VAL B 333 -8.97 3.52 16.47
C VAL B 333 -8.04 4.45 17.30
N GLY B 334 -8.63 5.44 17.99
CA GLY B 334 -7.91 6.42 18.85
C GLY B 334 -7.71 6.02 20.31
N TRP B 335 -7.10 6.92 21.09
CA TRP B 335 -6.85 6.65 22.52
C TRP B 335 -6.06 5.43 22.81
N VAL B 336 -5.11 5.11 21.93
CA VAL B 336 -4.18 4.02 22.12
C VAL B 336 -2.82 4.54 22.58
N GLN B 337 -2.31 4.01 23.67
CA GLN B 337 -0.97 4.39 24.23
C GLN B 337 0.06 3.84 23.24
N ASN B 338 1.05 4.62 22.89
CA ASN B 338 2.19 4.09 22.10
C ASN B 338 3.00 3.00 22.79
N ILE B 339 4.01 2.49 22.08
CA ILE B 339 4.70 1.29 22.50
C ILE B 339 5.35 1.60 23.87
N GLY B 340 5.33 0.64 24.80
CA GLY B 340 5.98 0.88 26.09
C GLY B 340 6.00 -0.33 26.98
N ALA B 341 6.22 -0.09 28.27
CA ALA B 341 6.39 -1.24 29.20
C ALA B 341 5.74 -0.98 30.55
N PHE B 342 5.02 0.15 30.63
CA PHE B 342 4.34 0.60 31.84
C PHE B 342 3.31 1.70 31.49
N PRO B 343 2.49 2.04 32.51
CA PRO B 343 1.47 3.10 32.32
C PRO B 343 1.99 4.46 31.78
N GLU B 344 1.45 4.91 30.63
CA GLU B 344 1.77 6.24 30.11
C GLU B 344 0.52 6.78 29.41
N PRO B 345 0.41 8.14 29.27
CA PRO B 345 -0.83 8.71 28.65
C PRO B 345 -0.93 8.42 27.13
N ALA B 346 -2.14 8.62 26.57
CA ALA B 346 -2.47 8.61 25.12
C ALA B 346 -3.38 9.82 24.87
N SER B 347 -3.78 10.05 23.62
CA SER B 347 -4.70 11.14 23.30
C SER B 347 -5.65 10.67 22.22
N LYS B 348 -6.55 11.56 21.81
CA LYS B 348 -7.61 11.14 20.97
C LYS B 348 -7.17 10.67 19.56
N ASP B 349 -6.04 11.17 19.05
CA ASP B 349 -5.56 10.77 17.73
C ASP B 349 -4.48 9.71 17.76
N SER B 350 -4.06 9.33 18.94
CA SER B 350 -3.03 8.32 19.01
C SER B 350 -3.54 6.89 18.69
N TYR B 351 -2.74 6.15 17.90
CA TYR B 351 -3.15 4.91 17.29
C TYR B 351 -1.96 4.01 17.30
N GLN B 352 -2.22 2.73 17.05
CA GLN B 352 -1.11 1.84 16.69
C GLN B 352 -1.74 0.64 16.05
N ASN B 353 -0.94 -0.12 15.28
CA ASN B 353 -1.48 -1.28 14.58
C ASN B 353 -1.98 -2.33 15.62
N PHE B 354 -1.21 -2.59 16.66
CA PHE B 354 -1.66 -3.53 17.73
C PHE B 354 -2.95 -3.02 18.43
N GLY B 355 -3.17 -1.70 18.43
CA GLY B 355 -4.42 -1.16 19.00
C GLY B 355 -5.60 -1.43 18.04
N THR B 356 -5.40 -1.26 16.74
CA THR B 356 -6.41 -1.73 15.79
C THR B 356 -6.67 -3.22 15.92
N GLY B 357 -5.58 -3.96 16.10
CA GLY B 357 -5.68 -5.41 16.28
C GLY B 357 -6.55 -5.74 17.51
N ALA B 358 -6.27 -5.08 18.64
CA ALA B 358 -7.10 -5.34 19.85
C ALA B 358 -8.58 -5.01 19.62
N PHE B 359 -8.87 -3.86 19.01
CA PHE B 359 -10.25 -3.48 18.72
C PHE B 359 -10.96 -4.56 17.89
N LEU B 360 -10.23 -5.11 16.90
CA LEU B 360 -10.74 -6.18 16.01
C LEU B 360 -10.99 -7.45 16.81
N LEU B 361 -10.08 -7.74 17.77
CA LEU B 361 -10.31 -8.84 18.67
C LEU B 361 -11.63 -8.61 19.45
N ALA B 362 -11.75 -7.47 20.14
CA ALA B 362 -12.95 -7.22 20.97
C ALA B 362 -14.19 -7.42 20.09
N GLY B 363 -14.22 -6.71 18.97
CA GLY B 363 -15.37 -6.86 18.03
C GLY B 363 -15.70 -8.28 17.59
N SER B 364 -14.68 -9.08 17.32
CA SER B 364 -14.89 -10.44 16.86
C SER B 364 -15.60 -11.27 17.92
N GLU B 365 -15.47 -10.93 19.22
CA GLU B 365 -16.20 -11.66 20.25
C GLU B 365 -17.53 -10.97 20.62
N ILE B 366 -17.57 -9.64 20.59
CA ILE B 366 -18.78 -8.89 20.90
C ILE B 366 -19.86 -9.37 19.95
N LEU B 367 -19.49 -9.50 18.69
CA LEU B 367 -20.43 -10.05 17.69
C LEU B 367 -21.03 -11.40 18.06
N LYS B 368 -20.36 -12.23 18.84
CA LYS B 368 -20.87 -13.57 19.14
C LYS B 368 -21.73 -13.71 20.42
N MET B 369 -22.05 -12.59 21.06
CA MET B 369 -22.71 -12.61 22.39
C MET B 369 -24.23 -12.85 22.34
N ASP C 22 -9.69 28.94 5.96
CA ASP C 22 -8.98 29.41 7.22
C ASP C 22 -7.52 28.90 7.32
N VAL C 23 -6.81 29.21 6.26
CA VAL C 23 -5.56 28.55 5.98
C VAL C 23 -4.40 28.89 6.92
N PHE C 24 -4.53 29.92 7.77
CA PHE C 24 -3.44 30.24 8.72
C PHE C 24 -3.54 29.62 10.11
N ASN C 25 -4.64 28.95 10.39
CA ASN C 25 -4.78 28.30 11.68
C ASN C 25 -3.88 27.05 11.76
N GLU C 26 -3.22 26.87 12.91
CA GLU C 26 -2.22 25.83 13.13
C GLU C 26 -2.81 24.42 12.89
N ASP C 27 -4.08 24.29 13.25
CA ASP C 27 -4.78 23.06 13.12
C ASP C 27 -5.18 22.72 11.72
N TYR C 28 -5.66 23.73 11.03
CA TYR C 28 -5.96 23.57 9.65
C TYR C 28 -4.68 23.14 8.93
N ILE C 29 -3.57 23.78 9.27
CA ILE C 29 -2.33 23.51 8.56
C ILE C 29 -1.86 22.07 8.86
N LYS C 30 -1.78 21.67 10.14
CA LYS C 30 -1.38 20.30 10.48
C LYS C 30 -2.28 19.24 9.85
N THR C 31 -3.60 19.46 9.85
CA THR C 31 -4.49 18.46 9.23
C THR C 31 -4.41 18.48 7.70
N SER C 32 -4.18 19.64 7.07
CA SER C 32 -3.91 19.64 5.61
C SER C 32 -2.66 18.86 5.21
N MET C 33 -1.59 19.02 5.98
CA MET C 33 -0.37 18.33 5.68
C MET C 33 -0.63 16.83 5.87
N ILE C 34 -1.29 16.41 6.95
CA ILE C 34 -1.55 14.95 7.16
C ILE C 34 -2.37 14.41 5.95
N LYS C 35 -3.37 15.15 5.48
CA LYS C 35 -4.21 14.76 4.32
C LYS C 35 -3.38 14.65 3.03
N ALA C 36 -2.47 15.59 2.84
CA ALA C 36 -1.59 15.57 1.69
C ALA C 36 -0.76 14.25 1.74
N LEU C 37 -0.21 13.95 2.94
CA LEU C 37 0.58 12.74 3.16
C LEU C 37 -0.27 11.50 2.85
N GLU C 38 -1.47 11.44 3.45
CA GLU C 38 -2.31 10.26 3.28
C GLU C 38 -2.69 10.10 1.80
N TRP C 39 -3.06 11.19 1.12
CA TRP C 39 -3.36 11.10 -0.33
C TRP C 39 -2.13 10.56 -1.11
N GLN C 40 -0.93 11.08 -0.79
CA GLN C 40 0.25 10.70 -1.60
C GLN C 40 0.64 9.28 -1.32
N GLU C 41 0.56 8.88 -0.05
CA GLU C 41 0.85 7.50 0.35
C GLU C 41 -0.12 6.51 -0.33
N ALA C 42 -1.38 6.92 -0.61
CA ALA C 42 -2.37 6.05 -1.26
C ALA C 42 -2.19 6.07 -2.80
N HIS C 43 -1.33 6.96 -3.29
CA HIS C 43 -1.08 7.11 -4.70
C HIS C 43 0.41 7.08 -5.02
N PRO C 44 1.09 5.96 -4.66
CA PRO C 44 2.54 5.92 -4.95
C PRO C 44 2.85 6.09 -6.42
N ILE C 45 3.96 6.73 -6.71
CA ILE C 45 4.29 7.05 -8.10
C ILE C 45 5.84 7.15 -8.19
N PHE C 46 6.42 6.86 -9.36
CA PHE C 46 7.82 7.17 -9.58
C PHE C 46 8.02 7.43 -11.07
N ALA C 47 9.16 8.02 -11.45
CA ALA C 47 9.54 8.09 -12.83
C ALA C 47 10.04 6.73 -13.26
N ILE C 48 11.06 6.21 -12.58
CA ILE C 48 11.58 4.91 -12.98
C ILE C 48 11.71 3.93 -11.83
N HIS C 49 11.77 4.39 -10.57
CA HIS C 49 11.93 3.43 -9.43
C HIS C 49 11.52 4.10 -8.13
N PRO C 50 11.04 3.33 -7.14
CA PRO C 50 10.65 3.96 -5.84
C PRO C 50 11.77 4.74 -5.14
N THR C 51 13.04 4.48 -5.51
CA THR C 51 14.20 5.15 -4.84
C THR C 51 14.73 6.29 -5.74
N ASP C 52 13.97 6.66 -6.79
CA ASP C 52 14.41 7.72 -7.67
C ASP C 52 14.17 9.11 -7.10
N TRP C 53 14.60 10.18 -7.80
CA TRP C 53 14.59 11.50 -7.20
C TRP C 53 13.18 11.99 -6.88
N THR C 54 12.19 11.56 -7.65
CA THR C 54 10.81 12.05 -7.36
C THR C 54 10.40 11.67 -5.95
N ASN C 55 10.72 10.43 -5.61
CA ASN C 55 10.47 9.98 -4.26
C ASN C 55 11.43 10.55 -3.25
N GLY C 56 12.70 10.77 -3.64
CA GLY C 56 13.59 11.44 -2.70
C GLY C 56 13.06 12.82 -2.29
N ALA C 57 12.70 13.67 -3.28
CA ALA C 57 12.04 14.93 -3.01
C ALA C 57 10.80 14.77 -2.11
N TYR C 58 9.94 13.82 -2.44
CA TYR C 58 8.71 13.61 -1.68
C TYR C 58 9.05 13.28 -0.19
N TYR C 59 9.92 12.29 0.05
CA TYR C 59 10.28 11.92 1.41
C TYR C 59 11.08 12.93 2.19
N THR C 60 11.82 13.77 1.48
CA THR C 60 12.48 14.88 2.09
C THR C 60 11.41 15.87 2.67
N GLY C 61 10.32 16.13 1.94
CA GLY C 61 9.20 16.90 2.53
C GLY C 61 8.57 16.19 3.71
N VAL C 62 8.41 14.87 3.60
CA VAL C 62 7.83 14.11 4.71
C VAL C 62 8.74 14.24 5.95
N ALA C 63 10.08 14.15 5.75
CA ALA C 63 11.02 14.22 6.92
C ALA C 63 10.90 15.62 7.60
N ARG C 64 10.83 16.69 6.80
CA ARG C 64 10.69 18.06 7.38
C ARG C 64 9.35 18.26 8.08
N ALA C 65 8.28 17.71 7.52
CA ALA C 65 6.98 17.74 8.19
C ALA C 65 7.07 17.02 9.55
N HIS C 66 7.74 15.86 9.62
CA HIS C 66 7.97 15.19 10.89
C HIS C 66 8.79 16.05 11.82
N HIS C 67 9.84 16.70 11.28
CA HIS C 67 10.72 17.50 12.10
C HIS C 67 9.93 18.60 12.82
N THR C 68 9.02 19.28 12.10
CA THR C 68 8.20 20.33 12.73
C THR C 68 7.13 19.77 13.64
N THR C 69 6.39 18.76 13.19
CA THR C 69 5.19 18.34 13.93
C THR C 69 5.44 17.22 14.91
N LYS C 70 6.44 16.37 14.65
CA LYS C 70 6.71 15.15 15.43
C LYS C 70 5.56 14.13 15.37
N ASN C 71 4.72 14.19 14.34
CA ASN C 71 3.58 13.30 14.24
C ASN C 71 4.11 11.93 13.76
N MET C 72 3.78 10.88 14.53
CA MET C 72 4.27 9.52 14.34
C MET C 72 3.85 9.02 12.95
N MET C 73 2.77 9.56 12.38
CA MET C 73 2.37 9.18 11.05
C MET C 73 3.46 9.44 9.95
N TYR C 74 4.14 10.58 10.04
CA TYR C 74 5.15 10.93 9.08
C TYR C 74 6.31 9.93 9.22
N MET C 75 6.72 9.64 10.46
CA MET C 75 7.85 8.73 10.74
C MET C 75 7.55 7.28 10.32
N ALA C 76 6.29 6.85 10.45
CA ALA C 76 5.85 5.50 10.01
C ALA C 76 6.07 5.43 8.49
N ALA C 77 5.65 6.47 7.78
CA ALA C 77 5.80 6.47 6.32
C ALA C 77 7.30 6.45 5.90
N LEU C 78 8.13 7.20 6.63
CA LEU C 78 9.58 7.31 6.36
C LEU C 78 10.22 5.93 6.63
N LYS C 79 9.90 5.31 7.79
CA LYS C 79 10.46 4.01 8.12
C LYS C 79 9.96 2.99 7.07
N ASN C 80 8.66 3.00 6.76
CA ASN C 80 8.09 2.03 5.78
CA ASN C 80 8.19 1.95 5.85
C ASN C 80 8.92 1.98 4.48
N GLN C 81 9.11 3.15 3.88
CA GLN C 81 9.77 3.19 2.53
C GLN C 81 11.28 2.82 2.68
N ALA C 82 11.90 3.22 3.78
CA ALA C 82 13.36 2.94 3.95
C ALA C 82 13.59 1.44 4.08
N VAL C 83 12.70 0.75 4.80
CA VAL C 83 12.82 -0.73 4.88
C VAL C 83 12.39 -1.36 3.55
N ALA C 84 11.34 -0.84 2.92
CA ALA C 84 10.87 -1.46 1.64
C ALA C 84 12.03 -1.33 0.60
N ASN C 85 12.76 -0.23 0.67
CA ASN C 85 13.85 0.04 -0.30
C ASN C 85 15.21 -0.47 0.14
N ASN C 86 15.22 -1.18 1.29
CA ASN C 86 16.42 -1.69 1.96
C ASN C 86 17.55 -0.66 2.05
N TRP C 87 17.16 0.60 2.31
CA TRP C 87 18.09 1.68 2.62
C TRP C 87 18.99 1.97 1.43
N GLN C 88 18.54 1.60 0.26
CA GLN C 88 19.38 1.82 -0.96
C GLN C 88 19.03 3.10 -1.68
N PRO C 89 20.06 3.90 -2.03
CA PRO C 89 19.80 4.95 -3.00
C PRO C 89 19.56 4.24 -4.34
N TYR C 90 19.27 5.01 -5.37
CA TYR C 90 19.23 4.36 -6.68
C TYR C 90 20.66 4.11 -7.23
N THR C 91 20.78 3.60 -8.44
CA THR C 91 21.99 2.83 -8.78
C THR C 91 23.04 3.50 -9.71
N ARG C 92 22.81 4.73 -10.16
CA ARG C 92 23.83 5.36 -11.00
C ARG C 92 24.68 6.28 -10.08
N LEU C 93 25.85 5.81 -9.64
CA LEU C 93 26.58 6.52 -8.61
C LEU C 93 27.17 7.87 -9.02
N TYR C 94 27.25 8.12 -10.34
CA TYR C 94 27.69 9.41 -10.91
C TYR C 94 26.51 10.40 -10.97
N HIS C 95 25.30 9.95 -10.58
CA HIS C 95 24.13 10.76 -10.94
C HIS C 95 23.47 11.32 -9.70
N ALA C 96 23.44 12.65 -9.54
CA ALA C 96 22.90 13.28 -8.34
C ALA C 96 21.45 12.92 -8.01
N ASP C 97 20.66 12.64 -9.03
CA ASP C 97 19.26 12.29 -8.78
C ASP C 97 19.15 11.05 -7.93
N ASP C 98 20.12 10.13 -8.03
CA ASP C 98 19.89 8.80 -7.44
C ASP C 98 20.20 8.76 -5.95
N VAL C 99 20.71 9.86 -5.40
CA VAL C 99 20.99 9.92 -3.97
C VAL C 99 19.99 10.76 -3.22
N ALA C 100 19.04 11.38 -3.94
CA ALA C 100 18.09 12.26 -3.21
C ALA C 100 17.32 11.51 -2.11
N ILE C 101 17.11 10.22 -2.32
CA ILE C 101 16.25 9.43 -1.39
C ILE C 101 17.07 9.20 -0.07
N SER C 102 18.40 9.41 -0.10
CA SER C 102 19.19 9.21 1.12
C SER C 102 18.95 10.30 2.20
N TYR C 103 18.38 11.44 1.79
CA TYR C 103 18.06 12.42 2.81
C TYR C 103 17.11 11.80 3.82
N SER C 104 16.06 11.15 3.32
CA SER C 104 15.06 10.52 4.23
C SER C 104 15.76 9.44 5.09
N TYR C 105 16.74 8.73 4.53
CA TYR C 105 17.34 7.61 5.26
C TYR C 105 18.21 8.22 6.42
N LEU C 106 18.95 9.27 6.12
CA LEU C 106 19.78 9.95 7.14
C LEU C 106 18.89 10.57 8.22
N TYR C 107 17.77 11.16 7.77
CA TYR C 107 16.79 11.70 8.69
C TYR C 107 16.27 10.65 9.70
N VAL C 108 15.88 9.48 9.19
CA VAL C 108 15.42 8.35 10.02
C VAL C 108 16.51 7.84 10.95
N ALA C 109 17.73 7.75 10.44
CA ALA C 109 18.82 7.23 11.22
C ALA C 109 19.07 8.13 12.44
N GLU C 110 18.93 9.42 12.27
CA GLU C 110 19.22 10.39 13.31
C GLU C 110 18.07 10.43 14.33
N ASN C 111 16.87 10.20 13.85
CA ASN C 111 15.67 10.61 14.59
C ASN C 111 14.92 9.43 15.14
N GLU C 112 15.19 8.24 14.64
CA GLU C 112 14.60 7.02 15.17
C GLU C 112 15.75 6.39 15.91
N LYS C 113 15.70 6.49 17.23
CA LYS C 113 16.75 5.99 18.10
C LYS C 113 16.52 4.52 18.24
N ARG C 114 17.23 3.68 17.50
CA ARG C 114 16.91 2.25 17.49
C ARG C 114 18.07 1.49 16.89
N ARG C 115 18.51 0.45 17.59
CA ARG C 115 19.65 -0.35 17.11
C ARG C 115 19.29 -1.35 16.04
N ASN C 116 20.31 -1.65 15.24
CA ASN C 116 20.22 -2.65 14.20
C ASN C 116 18.96 -2.42 13.34
N PHE C 117 18.76 -1.17 12.97
CA PHE C 117 17.58 -0.79 12.20
C PHE C 117 18.03 -0.03 10.95
N SER C 118 18.53 1.20 11.12
CA SER C 118 18.93 2.01 9.97
C SER C 118 20.28 1.54 9.37
N ASP C 119 20.42 1.72 8.05
CA ASP C 119 21.66 1.35 7.45
C ASP C 119 22.09 2.51 6.52
N LEU C 120 23.24 3.10 6.84
CA LEU C 120 23.77 4.18 6.04
C LEU C 120 24.95 3.78 5.13
N GLU C 121 25.34 2.53 5.18
CA GLU C 121 26.41 2.04 4.29
C GLU C 121 26.13 2.24 2.80
N PRO C 122 24.90 1.90 2.34
CA PRO C 122 24.61 2.11 0.92
C PRO C 122 24.73 3.61 0.54
N THR C 123 24.33 4.52 1.45
CA THR C 123 24.51 5.99 1.20
C THR C 123 25.99 6.38 1.20
N LYS C 124 26.72 5.93 2.21
CA LYS C 124 28.17 6.17 2.24
C LYS C 124 28.87 5.69 0.93
N LYS C 125 28.57 4.45 0.50
CA LYS C 125 29.17 3.96 -0.78
C LYS C 125 28.85 4.87 -1.94
N PHE C 126 27.58 5.26 -2.02
CA PHE C 126 27.19 6.14 -3.13
C PHE C 126 28.05 7.44 -3.07
N LEU C 127 28.07 8.08 -1.90
CA LEU C 127 28.71 9.38 -1.79
C LEU C 127 30.22 9.23 -2.04
N ASP C 128 30.82 8.12 -1.64
CA ASP C 128 32.28 8.02 -1.82
C ASP C 128 32.62 7.94 -3.29
N THR C 129 31.80 7.22 -4.07
CA THR C 129 32.00 7.08 -5.53
C THR C 129 31.61 8.39 -6.20
N HIS C 130 30.45 8.94 -5.81
CA HIS C 130 29.91 10.19 -6.44
C HIS C 130 30.98 11.27 -6.31
N LEU C 131 31.54 11.43 -5.12
CA LEU C 131 32.38 12.62 -4.86
C LEU C 131 33.87 12.40 -5.18
N TYR C 132 34.35 11.18 -5.02
CA TYR C 132 35.80 10.92 -5.05
C TYR C 132 36.33 10.04 -6.18
N GLU C 133 35.45 9.47 -7.01
CA GLU C 133 35.90 8.62 -8.14
C GLU C 133 35.57 9.24 -9.43
N ASP C 134 36.41 8.99 -10.44
CA ASP C 134 36.17 9.66 -11.73
CA ASP C 134 36.25 9.47 -11.81
C ASP C 134 34.91 9.06 -12.39
N ASN C 135 34.30 9.89 -13.22
CA ASN C 135 33.17 9.45 -14.03
C ASN C 135 33.09 10.26 -15.34
N ALA C 136 32.20 9.89 -16.25
CA ALA C 136 32.27 10.46 -17.59
C ALA C 136 31.93 11.97 -17.59
N TRP C 137 31.12 12.41 -16.63
CA TRP C 137 30.67 13.82 -16.53
C TRP C 137 31.76 14.67 -15.96
N LYS C 138 32.50 14.15 -14.98
CA LYS C 138 33.65 14.87 -14.45
C LYS C 138 34.74 14.95 -15.53
N ALA C 139 34.86 13.95 -16.39
CA ALA C 139 35.95 13.90 -17.35
C ALA C 139 35.78 14.99 -18.42
N GLY C 140 34.57 15.50 -18.64
CA GLY C 140 34.44 16.66 -19.54
C GLY C 140 34.46 16.34 -21.00
N THR C 141 34.29 15.07 -21.35
CA THR C 141 34.31 14.54 -22.73
C THR C 141 32.97 14.59 -23.44
N ASN C 142 31.88 14.75 -22.70
CA ASN C 142 30.55 14.88 -23.33
C ASN C 142 30.51 16.10 -24.28
N ARG C 143 29.84 15.93 -25.43
CA ARG C 143 29.78 16.96 -26.44
C ARG C 143 28.34 17.17 -26.85
N SER C 144 27.47 17.54 -25.92
CA SER C 144 26.09 17.76 -26.29
C SER C 144 25.62 19.15 -25.90
N LYS C 145 24.39 19.49 -26.29
CA LYS C 145 23.76 20.78 -26.02
C LYS C 145 23.66 21.01 -24.50
N GLU C 146 23.33 19.94 -23.74
CA GLU C 146 23.20 20.08 -22.30
C GLU C 146 24.51 20.30 -21.62
N ASP C 147 25.57 19.90 -22.31
CA ASP C 147 26.93 20.13 -21.87
C ASP C 147 27.21 19.36 -20.54
N LYS C 148 27.15 18.03 -20.60
CA LYS C 148 27.31 17.21 -19.42
C LYS C 148 28.76 17.03 -19.01
N THR C 149 29.40 18.14 -18.61
CA THR C 149 30.86 18.16 -18.50
C THR C 149 31.32 18.61 -17.12
N ILE C 150 30.37 18.71 -16.19
CA ILE C 150 30.77 18.74 -14.80
C ILE C 150 29.77 17.81 -14.08
N LEU C 151 30.09 17.45 -12.86
CA LEU C 151 29.29 16.46 -12.09
C LEU C 151 27.82 16.90 -11.96
N TRP C 152 27.64 18.16 -11.56
CA TRP C 152 26.30 18.73 -11.44
C TRP C 152 26.07 19.75 -12.52
N TRP C 153 25.72 19.24 -13.70
CA TRP C 153 25.66 20.07 -14.91
C TRP C 153 24.27 20.67 -15.14
N TRP C 154 23.32 20.42 -14.25
CA TRP C 154 21.95 20.95 -14.36
C TRP C 154 21.59 21.41 -12.98
N CYS C 155 20.80 22.48 -12.85
CA CYS C 155 20.63 23.13 -11.53
C CYS C 155 19.79 22.32 -10.54
N ASP C 156 18.91 21.43 -11.02
CA ASP C 156 18.08 20.68 -10.09
C ASP C 156 19.00 19.81 -9.19
N ALA C 157 20.16 19.41 -9.70
CA ALA C 157 21.10 18.53 -8.96
C ALA C 157 21.48 19.20 -7.66
N LEU C 158 21.37 20.52 -7.58
CA LEU C 158 21.73 21.24 -6.30
C LEU C 158 20.74 21.04 -5.12
N PHE C 159 19.55 20.51 -5.42
CA PHE C 159 18.62 20.02 -4.39
C PHE C 159 18.94 18.54 -4.05
N MET C 160 19.36 17.78 -5.05
CA MET C 160 19.36 16.26 -4.96
C MET C 160 20.52 15.78 -4.09
N ALA C 161 21.70 16.35 -4.30
CA ALA C 161 22.97 15.87 -3.68
C ALA C 161 23.50 16.72 -2.50
N PRO C 162 23.61 18.06 -2.67
CA PRO C 162 24.17 18.83 -1.55
C PRO C 162 23.51 18.61 -0.13
N PRO C 163 22.14 18.65 -0.01
CA PRO C 163 21.59 18.47 1.36
C PRO C 163 21.93 17.07 1.95
N VAL C 164 22.07 16.04 1.08
CA VAL C 164 22.31 14.69 1.58
C VAL C 164 23.76 14.68 2.03
N ILE C 165 24.65 15.28 1.22
CA ILE C 165 26.09 15.30 1.58
C ILE C 165 26.29 15.99 2.94
N ASN C 166 25.65 17.12 3.08
CA ASN C 166 25.71 17.96 4.28
C ASN C 166 25.23 17.21 5.50
N LEU C 167 24.10 16.51 5.37
CA LEU C 167 23.60 15.73 6.51
C LEU C 167 24.49 14.51 6.80
N TYR C 168 25.02 13.89 5.76
CA TYR C 168 25.98 12.77 6.02
C TYR C 168 27.26 13.25 6.75
N ALA C 169 27.81 14.41 6.32
CA ALA C 169 28.99 15.01 6.94
C ALA C 169 28.75 15.32 8.42
N LYS C 170 27.57 15.87 8.69
CA LYS C 170 27.18 16.19 10.06
C LYS C 170 27.07 14.92 10.93
N GLN C 171 26.35 13.90 10.49
CA GLN C 171 26.18 12.74 11.35
CA GLN C 171 26.17 12.69 11.31
C GLN C 171 27.46 11.90 11.48
N SER C 172 28.32 11.94 10.48
CA SER C 172 29.55 11.15 10.55
C SER C 172 30.75 11.89 11.12
N GLU C 173 30.57 13.19 11.38
CA GLU C 173 31.65 14.10 11.82
C GLU C 173 32.80 14.11 10.83
N GLN C 174 32.46 14.23 9.55
CA GLN C 174 33.45 14.18 8.48
C GLN C 174 33.30 15.41 7.59
N PRO C 175 33.88 16.56 8.01
CA PRO C 175 33.66 17.80 7.27
C PRO C 175 34.33 17.75 5.88
N GLU C 176 35.29 16.83 5.66
CA GLU C 176 35.92 16.74 4.33
C GLU C 176 34.86 16.49 3.26
N TYR C 177 33.72 15.83 3.58
CA TYR C 177 32.65 15.71 2.60
C TYR C 177 32.07 17.06 2.12
N LEU C 178 31.96 18.00 3.06
CA LEU C 178 31.48 19.40 2.75
C LEU C 178 32.41 20.09 1.79
N ASP C 179 33.72 19.87 1.99
CA ASP C 179 34.72 20.47 1.08
C ASP C 179 34.57 20.00 -0.36
N GLU C 180 34.35 18.66 -0.53
CA GLU C 180 34.15 18.11 -1.83
C GLU C 180 32.79 18.59 -2.39
N MET C 181 31.74 18.60 -1.55
CA MET C 181 30.47 19.22 -1.98
C MET C 181 30.70 20.65 -2.57
N HIS C 182 31.49 21.44 -1.89
CA HIS C 182 31.63 22.86 -2.26
C HIS C 182 32.33 22.95 -3.60
N LYS C 183 33.31 22.06 -3.87
CA LYS C 183 33.99 22.10 -5.14
C LYS C 183 32.98 21.92 -6.27
N TYR C 184 32.08 20.92 -6.16
CA TYR C 184 31.15 20.63 -7.23
C TYR C 184 30.08 21.74 -7.26
N TYR C 185 29.70 22.23 -6.09
CA TYR C 185 28.62 23.31 -6.07
C TYR C 185 29.13 24.57 -6.81
N MET C 186 30.38 24.90 -6.58
CA MET C 186 30.96 26.09 -7.24
C MET C 186 31.02 25.96 -8.75
N GLU C 187 31.29 24.76 -9.23
CA GLU C 187 31.23 24.52 -10.69
C GLU C 187 29.90 24.85 -11.28
N THR C 188 28.83 24.34 -10.67
CA THR C 188 27.48 24.54 -11.18
C THR C 188 27.16 26.07 -11.01
N TYR C 189 27.57 26.65 -9.89
CA TYR C 189 27.35 28.10 -9.67
C TYR C 189 28.06 28.96 -10.78
N ASN C 190 29.34 28.68 -11.01
CA ASN C 190 30.15 29.44 -11.99
C ASN C 190 29.52 29.32 -13.38
N ARG C 191 28.89 28.19 -13.66
CA ARG C 191 28.31 27.98 -15.00
C ARG C 191 26.90 28.58 -15.18
N LEU C 192 26.05 28.38 -14.20
CA LEU C 192 24.65 28.49 -14.36
C LEU C 192 23.97 29.59 -13.56
N TYR C 193 24.65 30.10 -12.54
CA TYR C 193 24.02 31.21 -11.81
C TYR C 193 24.14 32.49 -12.61
N ASP C 194 23.01 33.11 -12.90
CA ASP C 194 23.04 34.37 -13.66
C ASP C 194 23.22 35.50 -12.62
N LYS C 195 24.43 36.08 -12.55
CA LYS C 195 24.77 37.10 -11.54
C LYS C 195 23.92 38.38 -11.66
N GLU C 196 23.52 38.74 -12.87
CA GLU C 196 22.69 39.94 -13.03
C GLU C 196 21.22 39.66 -12.69
N GLU C 197 20.69 38.46 -13.04
CA GLU C 197 19.28 38.15 -12.76
C GLU C 197 19.01 37.55 -11.36
N LYS C 198 20.06 37.09 -10.67
CA LYS C 198 20.01 36.35 -9.37
C LYS C 198 19.17 35.08 -9.43
N LEU C 199 19.24 34.37 -10.55
CA LEU C 199 18.49 33.12 -10.76
C LEU C 199 19.42 32.09 -11.47
N PHE C 200 19.13 30.78 -11.33
CA PHE C 200 19.84 29.77 -12.13
C PHE C 200 19.18 29.41 -13.45
N ALA C 201 20.04 29.27 -14.46
CA ALA C 201 19.65 28.63 -15.73
C ALA C 201 19.69 27.13 -15.47
N ARG C 202 18.86 26.36 -16.18
CA ARG C 202 18.69 24.90 -15.91
C ARG C 202 19.96 24.11 -16.31
N ASP C 203 20.51 24.46 -17.47
CA ASP C 203 21.75 23.88 -18.01
C ASP C 203 22.29 24.83 -19.09
N SER C 204 23.45 24.52 -19.66
CA SER C 204 24.08 25.40 -20.66
C SER C 204 23.15 25.84 -21.80
N ARG C 205 22.11 25.05 -22.10
CA ARG C 205 21.22 25.39 -23.24
C ARG C 205 20.53 26.71 -22.95
N PHE C 206 20.34 27.02 -21.67
CA PHE C 206 19.54 28.20 -21.31
C PHE C 206 20.38 29.43 -20.95
N VAL C 207 21.70 29.30 -21.11
CA VAL C 207 22.60 30.38 -20.78
C VAL C 207 22.77 31.09 -22.14
N TRP C 208 22.78 32.43 -22.12
CA TRP C 208 22.92 33.26 -23.39
C TRP C 208 24.34 33.42 -23.76
N ASP C 209 24.69 33.20 -25.03
CA ASP C 209 26.05 33.60 -25.47
C ASP C 209 25.98 34.65 -26.57
N GLY C 210 24.80 35.25 -26.73
CA GLY C 210 24.59 36.33 -27.70
C GLY C 210 24.55 35.94 -29.17
N ASP C 211 24.07 34.72 -29.46
CA ASP C 211 23.85 34.30 -30.83
C ASP C 211 22.40 33.89 -31.03
N ASP C 212 22.08 33.39 -32.22
CA ASP C 212 20.70 33.03 -32.55
C ASP C 212 20.26 31.76 -31.82
N GLU C 213 21.23 30.95 -31.39
CA GLU C 213 20.95 29.80 -30.52
C GLU C 213 20.37 30.13 -29.11
N ASP C 214 20.47 31.39 -28.68
CA ASP C 214 19.94 31.80 -27.37
C ASP C 214 18.46 31.42 -27.18
N LYS C 215 18.12 30.89 -26.00
CA LYS C 215 16.75 30.54 -25.72
C LYS C 215 16.11 31.70 -24.99
N LYS C 216 14.90 32.07 -25.43
CA LYS C 216 14.21 33.22 -24.89
C LYS C 216 12.76 32.83 -24.59
N GLU C 217 12.15 33.53 -23.65
CA GLU C 217 10.73 33.42 -23.37
C GLU C 217 9.95 34.08 -24.51
N PRO C 218 8.61 33.87 -24.58
CA PRO C 218 7.81 34.52 -25.63
C PRO C 218 7.92 36.03 -25.58
N ASN C 219 8.29 36.56 -24.42
CA ASN C 219 8.43 38.01 -24.28
C ASN C 219 9.88 38.54 -24.40
N GLY C 220 10.81 37.75 -24.95
CA GLY C 220 12.23 38.16 -25.06
C GLY C 220 13.13 37.96 -23.81
N GLU C 221 12.54 37.55 -22.68
CA GLU C 221 13.34 37.47 -21.44
C GLU C 221 14.17 36.18 -21.42
N LYS C 222 15.23 36.15 -20.61
CA LYS C 222 15.89 34.85 -20.29
C LYS C 222 14.90 33.81 -19.74
N VAL C 223 15.15 32.51 -19.99
CA VAL C 223 14.32 31.42 -19.41
C VAL C 223 14.84 31.03 -18.03
N PHE C 224 14.01 31.28 -16.99
CA PHE C 224 14.28 30.77 -15.64
C PHE C 224 13.04 30.02 -15.20
N TRP C 225 13.20 28.75 -14.89
N TRP C 225 13.22 28.73 -14.92
CA TRP C 225 12.11 27.87 -14.51
CA TRP C 225 12.16 27.81 -14.55
C TRP C 225 11.87 27.99 -13.07
C TRP C 225 11.88 27.90 -13.08
N SER C 226 10.60 28.01 -12.70
CA SER C 226 10.23 28.21 -11.31
C SER C 226 10.63 26.99 -10.46
N ARG C 227 10.25 25.78 -10.87
CA ARG C 227 10.65 24.62 -10.06
C ARG C 227 12.20 24.45 -10.04
N GLY C 228 12.84 24.69 -11.20
CA GLY C 228 14.31 24.62 -11.34
C GLY C 228 14.99 25.44 -10.23
N ASN C 229 14.56 26.70 -10.15
CA ASN C 229 15.00 27.61 -9.11
C ASN C 229 14.55 27.27 -7.71
N GLY C 230 13.35 26.71 -7.61
CA GLY C 230 12.81 26.13 -6.37
C GLY C 230 13.72 25.05 -5.80
N TRP C 231 14.18 24.12 -6.67
CA TRP C 231 15.16 23.15 -6.20
C TRP C 231 16.40 23.77 -5.61
N VAL C 232 16.93 24.80 -6.27
CA VAL C 232 18.18 25.40 -5.77
C VAL C 232 17.99 26.06 -4.38
N ILE C 233 16.97 26.91 -4.29
CA ILE C 233 16.75 27.72 -3.08
C ILE C 233 16.23 26.82 -1.93
N GLY C 234 15.44 25.82 -2.29
CA GLY C 234 15.01 24.81 -1.29
C GLY C 234 16.21 24.09 -0.80
N GLY C 235 17.08 23.67 -1.72
CA GLY C 235 18.37 23.01 -1.37
C GLY C 235 19.18 23.85 -0.39
N LEU C 236 19.26 25.15 -0.68
CA LEU C 236 20.01 26.08 0.16
C LEU C 236 19.42 26.23 1.56
N ALA C 237 18.09 26.33 1.68
CA ALA C 237 17.49 26.28 3.06
C ALA C 237 17.87 24.97 3.82
N LEU C 238 17.73 23.81 3.14
CA LEU C 238 18.09 22.57 3.83
C LEU C 238 19.55 22.59 4.22
N LEU C 239 20.41 23.08 3.29
CA LEU C 239 21.82 23.07 3.57
C LEU C 239 22.12 23.96 4.78
N LEU C 240 21.59 25.20 4.77
CA LEU C 240 21.89 26.15 5.83
C LEU C 240 21.29 25.70 7.18
N GLU C 241 20.22 24.91 7.11
CA GLU C 241 19.62 24.37 8.31
C GLU C 241 20.63 23.54 9.08
N ASP C 242 21.49 22.81 8.39
CA ASP C 242 22.38 21.89 9.10
C ASP C 242 23.87 22.10 8.99
N MET C 243 24.31 23.02 8.12
CA MET C 243 25.73 23.27 7.91
C MET C 243 26.26 23.95 9.19
N PRO C 244 27.43 23.58 9.70
CA PRO C 244 27.91 24.32 10.91
C PRO C 244 28.01 25.82 10.65
N GLU C 245 27.63 26.58 11.66
CA GLU C 245 27.69 28.03 11.63
C GLU C 245 29.04 28.62 11.28
N ASP C 246 30.09 27.93 11.71
CA ASP C 246 31.44 28.43 11.49
C ASP C 246 32.07 27.71 10.26
N TYR C 247 31.29 27.07 9.39
CA TYR C 247 31.89 26.39 8.23
C TYR C 247 32.58 27.43 7.33
N LYS C 248 33.79 27.14 6.82
CA LYS C 248 34.60 28.18 6.16
C LYS C 248 33.92 28.67 4.87
N HIS C 249 33.01 27.86 4.24
CA HIS C 249 32.34 28.32 2.99
C HIS C 249 30.92 28.80 3.20
N ARG C 250 30.52 29.00 4.47
CA ARG C 250 29.12 29.30 4.74
C ARG C 250 28.61 30.63 4.10
N ASP C 251 29.45 31.66 4.09
CA ASP C 251 28.99 32.99 3.64
C ASP C 251 28.58 32.94 2.19
N PHE C 252 29.28 32.13 1.38
CA PHE C 252 28.89 31.96 -0.02
C PHE C 252 27.44 31.48 -0.10
N TYR C 253 27.08 30.50 0.76
CA TYR C 253 25.74 29.90 0.67
C TYR C 253 24.69 30.89 1.20
N VAL C 254 25.03 31.55 2.29
CA VAL C 254 24.09 32.58 2.84
C VAL C 254 23.80 33.69 1.82
N ASN C 255 24.86 34.19 1.18
CA ASN C 255 24.76 35.31 0.24
CA ASN C 255 24.70 35.30 0.24
C ASN C 255 23.93 34.88 -0.97
N LEU C 256 24.20 33.67 -1.47
CA LEU C 256 23.45 33.16 -2.64
C LEU C 256 21.95 33.03 -2.29
N TYR C 257 21.69 32.41 -1.12
CA TYR C 257 20.34 32.21 -0.64
C TYR C 257 19.64 33.63 -0.56
N LYS C 258 20.35 34.62 0.01
CA LYS C 258 19.75 35.97 0.14
C LYS C 258 19.49 36.62 -1.20
N GLU C 259 20.44 36.52 -2.11
CA GLU C 259 20.19 37.02 -3.46
C GLU C 259 19.02 36.37 -4.17
N MET C 260 18.97 35.04 -4.19
CA MET C 260 17.86 34.36 -4.83
C MET C 260 16.53 34.69 -4.19
N ALA C 261 16.53 34.79 -2.86
CA ALA C 261 15.27 34.95 -2.17
C ALA C 261 14.74 36.38 -2.48
N SER C 262 15.68 37.34 -2.49
CA SER C 262 15.21 38.71 -2.80
C SER C 262 14.59 38.80 -4.19
N ARG C 263 15.17 38.11 -5.17
CA ARG C 263 14.60 38.15 -6.50
C ARG C 263 13.26 37.40 -6.66
N ILE C 264 13.17 36.22 -6.05
CA ILE C 264 11.98 35.41 -6.13
C ILE C 264 10.83 36.18 -5.42
N LEU C 265 11.10 36.79 -4.29
CA LEU C 265 10.12 37.73 -3.66
C LEU C 265 9.71 38.80 -4.68
N GLU C 266 10.71 39.48 -5.25
CA GLU C 266 10.45 40.57 -6.18
C GLU C 266 9.55 40.17 -7.33
N ILE C 267 9.64 38.94 -7.85
CA ILE C 267 8.89 38.56 -9.07
C ILE C 267 7.64 37.71 -8.85
N GLN C 268 7.21 37.65 -7.59
CA GLN C 268 6.09 36.85 -7.20
C GLN C 268 4.80 37.49 -7.72
N PRO C 269 4.00 36.79 -8.56
CA PRO C 269 2.76 37.35 -9.16
C PRO C 269 1.80 37.78 -8.11
N GLU C 270 0.89 38.70 -8.49
CA GLU C 270 -0.16 39.26 -7.63
C GLU C 270 -0.94 38.28 -6.76
N ASP C 271 -1.42 37.20 -7.37
CA ASP C 271 -2.26 36.25 -6.62
C ASP C 271 -1.46 35.26 -5.73
N GLY C 272 -0.17 35.47 -5.58
CA GLY C 272 0.57 34.63 -4.63
C GLY C 272 1.35 33.47 -5.24
N LEU C 273 0.92 32.98 -6.41
CA LEU C 273 1.53 31.78 -7.05
C LEU C 273 2.53 32.09 -8.17
N TRP C 274 3.79 31.60 -8.04
CA TRP C 274 4.71 31.70 -9.20
C TRP C 274 4.23 30.84 -10.33
N ARG C 275 4.32 31.32 -11.59
CA ARG C 275 4.05 30.48 -12.75
C ARG C 275 5.30 29.63 -13.18
N THR C 276 5.11 28.60 -14.00
CA THR C 276 6.24 27.75 -14.42
C THR C 276 7.39 28.56 -14.93
N SER C 277 7.09 29.64 -15.68
CA SER C 277 8.10 30.60 -16.17
C SER C 277 8.21 31.76 -15.19
N LEU C 278 9.43 32.06 -14.77
CA LEU C 278 9.64 33.11 -13.76
C LEU C 278 9.66 34.53 -14.40
N LEU C 279 10.25 34.68 -15.58
CA LEU C 279 10.30 36.01 -16.25
C LEU C 279 9.23 36.18 -17.33
N SER C 280 8.45 35.14 -17.64
CA SER C 280 7.31 35.26 -18.55
C SER C 280 6.07 34.62 -17.94
N PRO C 281 5.66 35.11 -16.73
CA PRO C 281 4.47 34.45 -16.15
C PRO C 281 3.23 34.57 -17.04
N GLU C 282 3.24 35.55 -17.95
CA GLU C 282 2.06 35.82 -18.81
C GLU C 282 1.82 34.70 -19.80
N SER C 283 2.81 33.85 -20.05
CA SER C 283 2.57 32.66 -20.88
C SER C 283 1.73 31.53 -20.23
N TYR C 284 1.12 31.74 -19.07
CA TYR C 284 0.35 30.68 -18.38
C TYR C 284 -0.93 31.28 -17.78
N ASP C 285 -2.00 30.50 -17.72
CA ASP C 285 -3.25 31.00 -17.14
C ASP C 285 -3.35 30.95 -15.63
N HIS C 286 -2.41 30.26 -14.97
CA HIS C 286 -2.59 29.94 -13.56
C HIS C 286 -1.23 29.61 -13.02
N GLY C 287 -1.04 29.80 -11.73
CA GLY C 287 0.26 29.63 -11.13
C GLY C 287 0.50 28.13 -10.96
N GLU C 288 1.70 27.76 -10.53
CA GLU C 288 2.05 26.31 -10.48
C GLU C 288 2.49 26.04 -9.06
N VAL C 289 2.05 24.94 -8.45
CA VAL C 289 2.19 24.75 -7.01
C VAL C 289 3.57 24.29 -6.52
N SER C 290 4.19 23.42 -7.32
CA SER C 290 5.42 22.72 -6.81
C SER C 290 6.58 23.70 -6.67
N GLY C 291 6.88 24.42 -7.74
CA GLY C 291 7.83 25.53 -7.66
C GLY C 291 7.49 26.50 -6.54
N SER C 292 6.24 26.96 -6.51
CA SER C 292 5.78 27.88 -5.47
C SER C 292 5.99 27.39 -4.08
N ALA C 293 5.74 26.09 -3.90
CA ALA C 293 5.88 25.50 -2.58
C ALA C 293 7.34 25.44 -2.16
N PHE C 294 8.26 25.12 -3.08
CA PHE C 294 9.68 25.24 -2.77
C PHE C 294 10.05 26.68 -2.40
N HIS C 295 9.59 27.67 -3.17
CA HIS C 295 9.89 29.09 -2.78
C HIS C 295 9.37 29.41 -1.45
N THR C 296 8.12 29.01 -1.21
CA THR C 296 7.50 29.28 0.10
C THR C 296 8.23 28.62 1.24
N PHE C 297 8.56 27.32 1.11
CA PHE C 297 9.45 26.69 2.08
C PHE C 297 10.71 27.54 2.33
N ALA C 298 11.42 27.85 1.28
CA ALA C 298 12.74 28.46 1.47
C ALA C 298 12.61 29.87 2.09
N LEU C 299 11.64 30.64 1.59
CA LEU C 299 11.38 32.02 2.10
C LEU C 299 10.89 32.04 3.55
N ALA C 300 9.94 31.16 3.86
CA ALA C 300 9.50 31.01 5.22
C ALA C 300 10.59 30.55 6.18
N TRP C 301 11.34 29.49 5.80
CA TRP C 301 12.58 29.16 6.47
C TRP C 301 13.49 30.34 6.79
N GLY C 302 13.79 31.16 5.80
CA GLY C 302 14.71 32.29 6.06
C GLY C 302 14.16 33.38 6.96
N ILE C 303 12.88 33.68 6.81
CA ILE C 303 12.24 34.60 7.77
C ILE C 303 12.34 34.03 9.17
N ASN C 304 12.05 32.74 9.33
CA ASN C 304 12.09 32.12 10.65
C ASN C 304 13.47 32.15 11.23
N LYS C 305 14.49 31.99 10.37
CA LYS C 305 15.91 31.95 10.80
C LYS C 305 16.54 33.35 10.98
N GLY C 306 15.81 34.38 10.59
CA GLY C 306 16.28 35.73 10.64
C GLY C 306 17.13 36.15 9.43
N LEU C 307 17.15 35.37 8.33
CA LEU C 307 17.99 35.76 7.19
C LEU C 307 17.22 36.65 6.24
N ILE C 308 15.91 36.65 6.39
CA ILE C 308 15.05 37.43 5.52
C ILE C 308 14.22 38.35 6.38
N ASP C 309 14.01 39.59 5.92
CA ASP C 309 13.30 40.57 6.76
C ASP C 309 11.84 40.06 7.06
N LYS C 310 11.48 39.99 8.35
CA LYS C 310 10.10 39.93 8.92
C LYS C 310 9.04 40.54 8.01
N LYS C 311 9.38 41.61 7.32
CA LYS C 311 8.38 42.42 6.58
C LYS C 311 7.88 41.70 5.36
N TYR C 312 8.63 40.70 4.89
CA TYR C 312 8.14 39.81 3.83
C TYR C 312 7.13 38.70 4.23
N THR C 313 6.77 38.59 5.51
CA THR C 313 5.72 37.63 5.94
C THR C 313 4.46 37.63 5.08
N PRO C 314 3.88 38.82 4.79
CA PRO C 314 2.64 38.82 4.00
C PRO C 314 2.81 38.17 2.63
N ALA C 315 3.93 38.38 1.96
CA ALA C 315 4.15 37.75 0.65
C ALA C 315 4.24 36.20 0.72
N VAL C 316 4.89 35.70 1.77
CA VAL C 316 5.01 34.25 1.99
C VAL C 316 3.65 33.68 2.41
N LYS C 317 2.96 34.36 3.36
CA LYS C 317 1.60 33.98 3.78
C LYS C 317 0.67 33.89 2.57
N LYS C 318 0.78 34.83 1.63
CA LYS C 318 -0.08 34.88 0.42
C LYS C 318 0.21 33.68 -0.47
N ALA C 319 1.47 33.28 -0.58
CA ALA C 319 1.81 32.02 -1.30
C ALA C 319 1.16 30.77 -0.68
N TRP C 320 1.30 30.63 0.64
CA TRP C 320 0.76 29.51 1.36
C TRP C 320 -0.74 29.49 1.16
N LYS C 321 -1.41 30.65 1.26
CA LYS C 321 -2.84 30.61 1.03
C LYS C 321 -3.21 30.20 -0.38
N ALA C 322 -2.49 30.70 -1.38
CA ALA C 322 -2.86 30.35 -2.75
C ALA C 322 -2.67 28.82 -2.98
N MET C 323 -1.59 28.26 -2.42
CA MET C 323 -1.30 26.79 -2.48
C MET C 323 -2.34 25.98 -1.75
N ALA C 324 -2.59 26.35 -0.48
CA ALA C 324 -3.66 25.70 0.33
C ALA C 324 -4.98 25.52 -0.40
N ASN C 325 -5.40 26.56 -1.14
CA ASN C 325 -6.59 26.54 -2.04
C ASN C 325 -6.50 25.68 -3.31
N CYS C 326 -5.34 25.11 -3.59
CA CYS C 326 -5.19 24.15 -4.65
C CYS C 326 -5.21 22.70 -4.11
N GLN C 327 -5.34 22.51 -2.79
CA GLN C 327 -5.44 21.13 -2.23
C GLN C 327 -6.94 20.66 -2.32
N HIS C 328 -7.19 19.53 -2.97
CA HIS C 328 -8.51 18.90 -2.94
C HIS C 328 -8.92 18.51 -1.55
N ASP C 329 -10.22 18.28 -1.34
CA ASP C 329 -10.75 17.79 -0.05
C ASP C 329 -10.20 16.46 0.43
N ASP C 330 -9.90 15.57 -0.51
CA ASP C 330 -9.27 14.32 -0.12
C ASP C 330 -7.75 14.40 0.02
N GLY C 331 -7.18 15.61 0.05
CA GLY C 331 -5.74 15.74 0.31
C GLY C 331 -4.84 15.99 -0.89
N ARG C 332 -5.30 15.69 -2.09
CA ARG C 332 -4.48 15.83 -3.29
C ARG C 332 -3.94 17.25 -3.43
N VAL C 333 -2.63 17.38 -3.66
CA VAL C 333 -2.04 18.65 -4.00
C VAL C 333 -2.08 18.82 -5.53
N GLY C 334 -2.96 19.71 -6.01
CA GLY C 334 -3.16 19.90 -7.47
C GLY C 334 -2.34 21.07 -8.04
N TRP C 335 -2.46 21.28 -9.36
CA TRP C 335 -1.79 22.39 -10.09
C TRP C 335 -0.25 22.24 -10.02
N VAL C 336 0.20 20.98 -10.11
CA VAL C 336 1.63 20.61 -10.07
C VAL C 336 1.98 20.18 -11.50
N GLN C 337 2.95 20.84 -12.13
CA GLN C 337 3.38 20.44 -13.45
C GLN C 337 4.14 19.08 -13.41
N ASN C 338 3.85 18.21 -14.36
CA ASN C 338 4.49 16.91 -14.43
C ASN C 338 5.96 17.04 -14.76
N ILE C 339 6.67 15.91 -14.77
CA ILE C 339 8.12 15.93 -15.04
C ILE C 339 8.33 16.38 -16.48
N ALA C 346 -0.54 21.45 -16.76
CA ALA C 346 -0.85 21.56 -15.32
C ALA C 346 -2.27 22.03 -15.26
N SER C 347 -3.03 21.41 -14.38
CA SER C 347 -4.45 21.58 -14.32
C SER C 347 -4.80 21.36 -12.84
N LYS C 348 -6.03 21.64 -12.44
CA LYS C 348 -6.33 21.55 -11.02
C LYS C 348 -6.08 20.14 -10.48
N ASP C 349 -6.08 19.16 -11.38
CA ASP C 349 -5.97 17.77 -10.99
C ASP C 349 -4.55 17.23 -11.01
N SER C 350 -3.67 17.94 -11.67
CA SER C 350 -2.36 17.38 -11.94
C SER C 350 -1.52 17.39 -10.65
N TYR C 351 -0.92 16.24 -10.33
CA TYR C 351 -0.20 16.08 -9.07
C TYR C 351 1.18 15.43 -9.37
N GLN C 352 2.10 15.49 -8.42
CA GLN C 352 3.28 14.61 -8.43
C GLN C 352 3.72 14.33 -7.00
N ASN C 353 4.44 13.24 -6.76
CA ASN C 353 4.93 12.99 -5.39
C ASN C 353 5.82 14.13 -4.87
N PHE C 354 6.66 14.70 -5.75
CA PHE C 354 7.57 15.74 -5.29
C PHE C 354 6.79 17.06 -5.12
N GLY C 355 5.64 17.16 -5.74
CA GLY C 355 4.75 18.31 -5.44
C GLY C 355 4.12 18.19 -4.07
N THR C 356 3.68 17.00 -3.71
CA THR C 356 3.24 16.78 -2.32
C THR C 356 4.41 17.03 -1.34
N GLY C 357 5.61 16.53 -1.69
CA GLY C 357 6.81 16.85 -0.92
C GLY C 357 7.06 18.36 -0.70
N ALA C 358 7.01 19.15 -1.76
CA ALA C 358 7.20 20.62 -1.71
C ALA C 358 6.10 21.25 -0.82
N PHE C 359 4.86 20.77 -0.95
CA PHE C 359 3.75 21.27 -0.13
C PHE C 359 4.05 21.03 1.37
N LEU C 360 4.55 19.84 1.69
CA LEU C 360 4.86 19.50 3.08
C LEU C 360 6.03 20.36 3.60
N LEU C 361 7.02 20.62 2.71
CA LEU C 361 8.18 21.45 3.07
C LEU C 361 7.64 22.86 3.50
N ALA C 362 6.79 23.43 2.66
CA ALA C 362 6.23 24.78 2.87
C ALA C 362 5.46 24.78 4.20
N GLY C 363 4.51 23.84 4.34
CA GLY C 363 3.74 23.69 5.57
C GLY C 363 4.64 23.62 6.79
N SER C 364 5.69 22.83 6.69
CA SER C 364 6.59 22.59 7.80
C SER C 364 7.28 23.87 8.30
N GLU C 365 7.48 24.82 7.42
CA GLU C 365 8.01 26.14 7.83
C GLU C 365 6.91 27.20 8.15
N ILE C 366 5.83 27.22 7.37
CA ILE C 366 4.68 28.09 7.69
C ILE C 366 4.29 27.93 9.15
N LEU C 367 4.20 26.66 9.62
CA LEU C 367 3.86 26.33 11.01
C LEU C 367 4.71 27.00 11.99
N LYS C 368 5.93 27.30 11.58
CA LYS C 368 6.88 27.87 12.53
C LYS C 368 6.95 29.42 12.53
N MET C 369 6.12 30.09 11.74
CA MET C 369 6.27 31.54 11.55
C MET C 369 5.78 32.38 12.74
#